data_4EWG
#
_entry.id   4EWG
#
_cell.length_a   66.410
_cell.length_b   60.940
_cell.length_c   99.680
_cell.angle_alpha   90.000
_cell.angle_beta   95.130
_cell.angle_gamma   90.000
#
_symmetry.space_group_name_H-M   'P 1 21 1'
#
loop_
_entity.id
_entity.type
_entity.pdbx_description
1 polymer 'Beta-ketoacyl synthase'
2 non-polymer IMIDAZOLE
3 non-polymer 1,2-ETHANEDIOL
4 non-polymer 'CALCIUM ION'
5 water water
#
_entity_poly.entity_id   1
_entity_poly.type   'polypeptide(L)'
_entity_poly.pdbx_seq_one_letter_code
;GPGSMKRVVITGMGGVTALGSRWDEIEAALKAGRNAVRRMPDWDYFESLHTRLAAPLPGFAQPADWPRKKTRSMGRVSMY
AVRASELALADAGFAGDESISDGRMGVAYGSSSGSVEPIRAFGTMLESGSMTDVTSNSYVQMMPHTTAVNVSLFWDLKGR
IVPTSSACASGSQAIGYAYENIAMGKQTLMLAGGAEELSGPAVAVFDTLYATSTRNDEPHLTPRPFDAKRDGLVVGEGAA
TLVLEEYEHAKARGATIHAEIVGFGCNSDGAHMTQPTASTMARAMQLALEDAKLDANAIAYVNAHGTSTDRGDVAESQAT
ARTFGERMPISSLKSYVGHTLGACGALEAWWTIEMMKRNWYAPTLNLTEVDPACAPLDYIRGEARAIDAEYVMSNNFAFG
GINTSLIFRRVR
;
_entity_poly.pdbx_strand_id   A,B
#
loop_
_chem_comp.id
_chem_comp.type
_chem_comp.name
_chem_comp.formula
CA non-polymer 'CALCIUM ION' 'Ca 2'
EDO non-polymer 1,2-ETHANEDIOL 'C2 H6 O2'
IMD non-polymer IMIDAZOLE 'C3 H5 N2 1'
#
# COMPACT_ATOMS: atom_id res chain seq x y z
N SER A 4 18.44 -19.08 8.28
CA SER A 4 17.49 -20.23 8.13
C SER A 4 16.18 -19.81 7.43
N MET A 5 16.29 -19.30 6.20
CA MET A 5 15.13 -18.78 5.43
C MET A 5 14.20 -19.90 4.91
N LYS A 6 12.90 -19.67 4.94
CA LYS A 6 11.93 -20.69 4.47
C LYS A 6 11.73 -20.60 2.98
N ARG A 7 11.49 -21.75 2.36
CA ARG A 7 11.17 -21.79 0.98
C ARG A 7 9.69 -21.55 0.86
N VAL A 8 9.27 -21.09 -0.31
CA VAL A 8 7.92 -20.65 -0.52
C VAL A 8 7.37 -21.18 -1.85
N VAL A 9 6.21 -21.84 -1.77
CA VAL A 9 5.59 -22.46 -2.92
C VAL A 9 4.16 -21.92 -3.07
N ILE A 10 3.62 -22.14 -4.24
CA ILE A 10 2.31 -21.68 -4.60
C ILE A 10 1.40 -22.87 -4.69
N THR A 11 0.41 -22.94 -3.81
CA THR A 11 -0.47 -24.14 -3.72
C THR A 11 -1.91 -23.84 -4.13
N GLY A 12 -2.20 -22.58 -4.46
CA GLY A 12 -3.52 -22.16 -4.97
C GLY A 12 -3.40 -21.04 -5.99
N MET A 13 -4.15 -21.13 -7.10
CA MET A 13 -4.22 -20.06 -8.11
C MET A 13 -5.65 -19.92 -8.60
N GLY A 14 -6.10 -18.70 -8.79
CA GLY A 14 -7.40 -18.41 -9.31
C GLY A 14 -7.59 -16.94 -9.60
N GLY A 15 -8.64 -16.64 -10.34
CA GLY A 15 -9.01 -15.27 -10.65
C GLY A 15 -10.25 -15.13 -11.50
N VAL A 16 -10.57 -13.86 -11.76
CA VAL A 16 -11.72 -13.47 -12.50
C VAL A 16 -11.15 -12.65 -13.67
N THR A 17 -11.26 -13.13 -14.92
CA THR A 17 -10.61 -12.46 -16.06
C THR A 17 -11.50 -12.38 -17.31
N ALA A 18 -11.09 -11.57 -18.28
CA ALA A 18 -11.88 -11.38 -19.51
C ALA A 18 -12.01 -12.68 -20.29
N LEU A 19 -11.10 -13.62 -20.02
CA LEU A 19 -11.10 -14.91 -20.72
C LEU A 19 -11.71 -16.01 -19.88
N GLY A 20 -12.16 -15.68 -18.67
CA GLY A 20 -12.85 -16.65 -17.80
C GLY A 20 -12.08 -16.86 -16.52
N SER A 21 -12.54 -17.85 -15.71
CA SER A 21 -11.85 -18.26 -14.47
C SER A 21 -11.10 -19.56 -14.55
N ARG A 22 -11.67 -20.58 -15.13
CA ARG A 22 -10.96 -21.87 -15.19
C ARG A 22 -9.87 -21.82 -16.24
N TRP A 23 -8.74 -22.48 -15.95
CA TRP A 23 -7.61 -22.45 -16.86
C TRP A 23 -7.94 -23.07 -18.20
N ASP A 24 -8.69 -24.18 -18.17
CA ASP A 24 -9.06 -24.88 -19.40
C ASP A 24 -9.84 -23.97 -20.36
N GLU A 25 -10.75 -23.20 -19.81
CA GLU A 25 -11.52 -22.18 -20.53
C GLU A 25 -10.56 -21.09 -21.09
N ILE A 26 -9.63 -20.64 -20.26
CA ILE A 26 -8.68 -19.60 -20.64
C ILE A 26 -7.72 -20.11 -21.72
N GLU A 27 -7.19 -21.32 -21.53
CA GLU A 27 -6.33 -21.96 -22.55
C GLU A 27 -7.02 -22.00 -23.92
N ALA A 28 -8.28 -22.40 -23.95
CA ALA A 28 -9.04 -22.47 -25.21
C ALA A 28 -9.12 -21.09 -25.86
N ALA A 29 -9.34 -20.05 -25.05
CA ALA A 29 -9.38 -18.69 -25.55
C ALA A 29 -8.01 -18.25 -26.10
N LEU A 30 -6.97 -18.42 -25.30
CA LEU A 30 -5.63 -18.12 -25.77
C LEU A 30 -5.42 -18.80 -27.11
N LYS A 31 -5.68 -20.10 -27.17
CA LYS A 31 -5.49 -20.87 -28.41
C LYS A 31 -6.28 -20.32 -29.57
N ALA A 32 -7.51 -19.89 -29.32
CA ALA A 32 -8.38 -19.42 -30.38
C ALA A 32 -7.93 -18.05 -30.95
N GLY A 33 -6.96 -17.41 -30.31
CA GLY A 33 -6.29 -16.23 -30.90
C GLY A 33 -7.07 -14.93 -31.12
N ARG A 34 -8.23 -14.77 -30.46
CA ARG A 34 -8.95 -13.50 -30.50
C ARG A 34 -8.72 -12.82 -29.18
N ASN A 35 -8.51 -11.51 -29.21
CA ASN A 35 -8.39 -10.77 -27.98
C ASN A 35 -9.76 -10.50 -27.36
N ALA A 36 -9.75 -9.95 -26.15
CA ALA A 36 -10.98 -9.63 -25.44
C ALA A 36 -11.29 -8.14 -25.49
N VAL A 37 -10.78 -7.46 -26.52
CA VAL A 37 -10.98 -6.01 -26.65
C VAL A 37 -12.34 -5.71 -27.33
N ARG A 38 -13.05 -4.69 -26.84
CA ARG A 38 -14.33 -4.30 -27.42
C ARG A 38 -14.44 -2.78 -27.51
N ARG A 39 -15.33 -2.31 -28.39
CA ARG A 39 -15.66 -0.91 -28.46
C ARG A 39 -16.49 -0.60 -27.19
N MET A 40 -16.33 0.60 -26.66
CA MET A 40 -17.04 1.01 -25.43
C MET A 40 -17.89 2.23 -25.70
N PRO A 41 -19.05 2.04 -26.34
CA PRO A 41 -19.90 3.22 -26.66
C PRO A 41 -20.33 4.05 -25.45
N ASP A 42 -20.45 3.43 -24.28
CA ASP A 42 -20.82 4.15 -23.05
C ASP A 42 -19.90 5.30 -22.70
N TRP A 43 -18.65 5.23 -23.14
CA TRP A 43 -17.68 6.28 -22.86
C TRP A 43 -17.90 7.55 -23.60
N ASP A 44 -18.89 7.59 -24.49
CA ASP A 44 -19.34 8.86 -25.08
C ASP A 44 -19.95 9.77 -24.00
N TYR A 45 -20.32 9.18 -22.88
CA TYR A 45 -20.74 9.93 -21.72
C TYR A 45 -19.64 10.89 -21.23
N PHE A 46 -18.37 10.50 -21.39
CA PHE A 46 -17.27 11.30 -20.84
C PHE A 46 -16.85 12.40 -21.79
N GLU A 47 -16.45 13.54 -21.23
CA GLU A 47 -16.19 14.73 -22.04
C GLU A 47 -15.01 14.50 -23.01
N SER A 48 -13.86 14.12 -22.47
CA SER A 48 -12.62 14.16 -23.24
C SER A 48 -11.83 12.87 -23.20
N LEU A 49 -12.43 11.74 -23.60
CA LEU A 49 -11.66 10.51 -23.83
C LEU A 49 -11.53 10.29 -25.32
N HIS A 50 -10.31 10.04 -25.77
CA HIS A 50 -10.04 9.75 -27.15
C HIS A 50 -10.30 8.32 -27.46
N THR A 51 -9.87 7.43 -26.58
CA THR A 51 -10.11 6.01 -26.83
C THR A 51 -11.57 5.63 -26.61
N ARG A 52 -12.04 4.67 -27.39
CA ARG A 52 -13.29 3.97 -27.14
C ARG A 52 -13.06 2.45 -27.01
N LEU A 53 -11.88 2.06 -26.54
CA LEU A 53 -11.54 0.62 -26.41
C LEU A 53 -11.33 0.20 -24.96
N ALA A 54 -11.74 -1.02 -24.63
CA ALA A 54 -11.46 -1.65 -23.33
C ALA A 54 -11.54 -3.14 -23.51
N ALA A 55 -11.05 -3.88 -22.49
CA ALA A 55 -11.20 -5.34 -22.40
C ALA A 55 -11.97 -5.71 -21.12
N PRO A 56 -13.28 -5.47 -21.11
CA PRO A 56 -14.07 -5.72 -19.89
C PRO A 56 -14.27 -7.19 -19.57
N LEU A 57 -14.65 -7.49 -18.33
CA LEU A 57 -15.16 -8.80 -18.03
C LEU A 57 -16.46 -8.95 -18.81
N PRO A 58 -16.69 -10.10 -19.44
CA PRO A 58 -17.98 -10.23 -20.16
C PRO A 58 -19.18 -10.18 -19.24
N GLY A 59 -18.98 -10.49 -17.98
CA GLY A 59 -20.01 -10.32 -16.94
C GLY A 59 -19.39 -10.69 -15.60
N PHE A 60 -20.16 -10.49 -14.55
CA PHE A 60 -19.76 -10.90 -13.25
C PHE A 60 -21.01 -10.77 -12.40
N ALA A 61 -21.31 -11.78 -11.64
CA ALA A 61 -22.31 -11.67 -10.60
C ALA A 61 -21.75 -12.32 -9.35
N GLN A 62 -21.98 -11.65 -8.22
CA GLN A 62 -21.61 -12.20 -6.92
C GLN A 62 -22.15 -13.57 -6.78
N PRO A 63 -21.37 -14.48 -6.20
CA PRO A 63 -21.93 -15.75 -5.79
C PRO A 63 -23.13 -15.53 -4.89
N ALA A 64 -24.14 -16.37 -5.07
CA ALA A 64 -25.39 -16.28 -4.34
C ALA A 64 -25.23 -16.44 -2.82
N ASP A 65 -24.28 -17.27 -2.41
CA ASP A 65 -24.12 -17.59 -1.00
C ASP A 65 -23.22 -16.59 -0.23
N TRP A 66 -22.82 -15.46 -0.86
CA TRP A 66 -22.10 -14.41 -0.11
C TRP A 66 -23.08 -13.70 0.73
N PRO A 67 -22.85 -13.67 2.02
CA PRO A 67 -23.79 -12.99 2.90
C PRO A 67 -23.69 -11.48 2.87
N ARG A 68 -24.84 -10.83 2.79
CA ARG A 68 -24.99 -9.38 2.82
C ARG A 68 -24.10 -8.70 3.84
N LYS A 69 -24.06 -9.23 5.04
CA LYS A 69 -23.30 -8.60 6.13
C LYS A 69 -21.84 -8.47 5.73
N LYS A 70 -21.36 -9.37 4.88
CA LYS A 70 -19.96 -9.39 4.46
C LYS A 70 -19.73 -8.56 3.20
N THR A 71 -20.74 -8.42 2.33
CA THR A 71 -20.59 -7.68 1.03
C THR A 71 -20.84 -6.16 1.04
N ARG A 72 -21.35 -5.61 2.14
CA ARG A 72 -21.63 -4.16 2.23
C ARG A 72 -20.41 -3.29 1.94
N SER A 73 -19.25 -3.80 2.32
CA SER A 73 -18.03 -3.05 2.29
C SER A 73 -17.27 -3.21 0.95
N MET A 74 -17.90 -3.85 -0.03
CA MET A 74 -17.28 -4.16 -1.32
C MET A 74 -17.89 -3.43 -2.53
N GLY A 75 -17.07 -2.69 -3.28
CA GLY A 75 -17.42 -2.33 -4.66
C GLY A 75 -16.89 -3.41 -5.54
N ARG A 76 -16.91 -3.21 -6.86
CA ARG A 76 -16.60 -4.28 -7.79
C ARG A 76 -15.20 -4.83 -7.62
N VAL A 77 -14.22 -3.94 -7.50
CA VAL A 77 -12.82 -4.36 -7.45
C VAL A 77 -12.57 -5.29 -6.26
N SER A 78 -13.19 -4.98 -5.14
CA SER A 78 -13.08 -5.81 -3.96
C SER A 78 -13.86 -7.10 -4.16
N MET A 79 -15.00 -7.04 -4.85
CA MET A 79 -15.72 -8.29 -5.21
C MET A 79 -14.89 -9.18 -6.13
N TYR A 80 -14.22 -8.60 -7.11
CA TYR A 80 -13.30 -9.38 -7.98
C TYR A 80 -12.20 -10.03 -7.11
N ALA A 81 -11.63 -9.23 -6.22
CA ALA A 81 -10.50 -9.65 -5.38
C ALA A 81 -10.94 -10.84 -4.51
N VAL A 82 -12.11 -10.72 -3.87
CA VAL A 82 -12.63 -11.77 -3.01
C VAL A 82 -12.96 -13.05 -3.80
N ARG A 83 -13.53 -12.89 -4.99
CA ARG A 83 -13.88 -14.03 -5.79
C ARG A 83 -12.61 -14.78 -6.24
N ALA A 84 -11.60 -14.02 -6.69
CA ALA A 84 -10.30 -14.55 -7.05
C ALA A 84 -9.71 -15.37 -5.93
N SER A 85 -9.79 -14.81 -4.74
CA SER A 85 -9.14 -15.36 -3.60
C SER A 85 -9.89 -16.61 -3.16
N GLU A 86 -11.22 -16.58 -3.27
CA GLU A 86 -12.09 -17.72 -3.03
C GLU A 86 -11.75 -18.90 -3.95
N LEU A 87 -11.56 -18.62 -5.23
CA LEU A 87 -11.19 -19.66 -6.17
C LEU A 87 -9.80 -20.25 -5.79
N ALA A 88 -8.86 -19.38 -5.43
CA ALA A 88 -7.49 -19.80 -5.14
C ALA A 88 -7.44 -20.63 -3.87
N LEU A 89 -8.19 -20.20 -2.86
CA LEU A 89 -8.31 -20.97 -1.64
C LEU A 89 -8.92 -22.36 -1.89
N ALA A 90 -9.95 -22.45 -2.70
CA ALA A 90 -10.55 -23.79 -2.98
C ALA A 90 -9.49 -24.63 -3.62
N ASP A 91 -8.82 -24.04 -4.60
CA ASP A 91 -7.84 -24.76 -5.38
C ASP A 91 -6.73 -25.23 -4.45
N ALA A 92 -6.42 -24.44 -3.42
CA ALA A 92 -5.35 -24.81 -2.47
C ALA A 92 -5.80 -25.84 -1.41
N GLY A 93 -7.08 -26.18 -1.41
CA GLY A 93 -7.62 -27.19 -0.50
C GLY A 93 -8.13 -26.61 0.81
N PHE A 94 -8.27 -25.29 0.89
CA PHE A 94 -8.67 -24.64 2.15
C PHE A 94 -10.16 -24.27 2.25
N ALA A 95 -10.97 -24.58 1.23
CA ALA A 95 -12.43 -24.39 1.35
C ALA A 95 -12.94 -25.03 2.64
N GLY A 96 -13.79 -24.34 3.39
CA GLY A 96 -14.37 -24.88 4.63
C GLY A 96 -13.38 -25.17 5.76
N ASP A 97 -12.10 -24.82 5.54
CA ASP A 97 -11.03 -25.05 6.51
C ASP A 97 -10.78 -23.74 7.28
N GLU A 98 -11.21 -23.70 8.53
CA GLU A 98 -11.20 -22.49 9.32
C GLU A 98 -9.87 -22.24 10.03
N SER A 99 -9.00 -23.24 10.06
CA SER A 99 -7.71 -23.02 10.72
C SER A 99 -6.87 -21.90 10.07
N ILE A 100 -7.15 -21.57 8.82
CA ILE A 100 -6.43 -20.48 8.14
C ILE A 100 -6.67 -19.12 8.81
N SER A 101 -7.74 -19.02 9.59
CA SER A 101 -8.11 -17.81 10.30
C SER A 101 -7.43 -17.58 11.59
N ASP A 102 -6.54 -18.48 11.99
CA ASP A 102 -5.96 -18.42 13.33
C ASP A 102 -4.74 -17.52 13.44
N GLY A 103 -4.47 -16.68 12.42
CA GLY A 103 -3.33 -15.77 12.46
C GLY A 103 -2.16 -16.25 11.60
N ARG A 104 -2.25 -17.47 11.06
CA ARG A 104 -1.17 -18.07 10.31
C ARG A 104 -1.16 -17.58 8.87
N MET A 105 -2.31 -17.11 8.41
CA MET A 105 -2.44 -16.64 7.04
C MET A 105 -2.70 -15.15 7.03
N GLY A 106 -1.99 -14.44 6.15
CA GLY A 106 -2.14 -12.98 5.97
C GLY A 106 -2.52 -12.65 4.54
N VAL A 107 -2.55 -11.37 4.23
CA VAL A 107 -3.02 -10.92 2.93
C VAL A 107 -2.17 -9.79 2.38
N ALA A 108 -1.70 -9.95 1.15
CA ALA A 108 -1.05 -8.89 0.43
C ALA A 108 -1.87 -8.63 -0.83
N TYR A 109 -2.28 -7.37 -1.03
CA TYR A 109 -3.16 -7.05 -2.16
C TYR A 109 -3.20 -5.56 -2.42
N GLY A 110 -3.50 -5.20 -3.66
CA GLY A 110 -3.76 -3.82 -3.97
C GLY A 110 -4.42 -3.59 -5.31
N SER A 111 -4.67 -2.30 -5.59
CA SER A 111 -5.30 -1.89 -6.83
C SER A 111 -4.90 -0.45 -7.10
N SER A 112 -5.11 0.00 -8.33
CA SER A 112 -4.76 1.38 -8.71
C SER A 112 -5.70 2.36 -8.04
N SER A 113 -6.90 1.88 -7.74
CA SER A 113 -7.96 2.73 -7.27
C SER A 113 -9.03 1.92 -6.51
N GLY A 114 -9.81 2.64 -5.69
CA GLY A 114 -10.98 2.12 -5.07
C GLY A 114 -12.14 2.06 -6.04
N SER A 115 -13.35 2.01 -5.51
CA SER A 115 -14.53 1.78 -6.36
C SER A 115 -15.21 3.08 -6.81
N VAL A 116 -15.94 3.00 -7.92
CA VAL A 116 -16.49 4.20 -8.56
C VAL A 116 -17.49 4.93 -7.69
N GLU A 117 -18.38 4.19 -7.04
CA GLU A 117 -19.49 4.81 -6.31
C GLU A 117 -19.00 5.84 -5.29
N PRO A 118 -18.11 5.44 -4.36
CA PRO A 118 -17.68 6.38 -3.33
C PRO A 118 -16.76 7.48 -3.86
N ILE A 119 -15.96 7.19 -4.90
CA ILE A 119 -15.22 8.24 -5.56
C ILE A 119 -16.20 9.31 -6.07
N ARG A 120 -17.27 8.89 -6.72
CA ARG A 120 -18.34 9.82 -7.14
C ARG A 120 -18.92 10.59 -5.95
N ALA A 121 -19.20 9.87 -4.87
CA ALA A 121 -19.88 10.45 -3.71
C ALA A 121 -18.98 11.47 -3.02
N PHE A 122 -17.76 11.09 -2.72
CA PHE A 122 -16.83 12.02 -2.05
C PHE A 122 -16.41 13.19 -2.97
N GLY A 123 -16.18 12.89 -4.24
CA GLY A 123 -15.81 13.92 -5.22
C GLY A 123 -16.88 14.97 -5.34
N THR A 124 -18.13 14.53 -5.35
CA THR A 124 -19.24 15.45 -5.41
C THR A 124 -19.39 16.25 -4.10
N MET A 125 -19.09 15.62 -2.97
CA MET A 125 -19.09 16.34 -1.71
C MET A 125 -18.13 17.53 -1.82
N LEU A 126 -16.96 17.32 -2.39
CA LEU A 126 -16.04 18.40 -2.63
C LEU A 126 -16.61 19.39 -3.65
N GLU A 127 -17.16 18.87 -4.75
CA GLU A 127 -17.65 19.72 -5.83
C GLU A 127 -18.74 20.68 -5.40
N SER A 128 -19.71 20.20 -4.61
CA SER A 128 -20.92 20.99 -4.27
C SER A 128 -21.28 21.01 -2.76
N GLY A 129 -20.54 20.26 -1.93
CA GLY A 129 -20.94 20.09 -0.52
C GLY A 129 -22.01 19.03 -0.25
N SER A 130 -22.71 18.60 -1.29
CA SER A 130 -23.73 17.55 -1.17
C SER A 130 -23.15 16.24 -0.59
N MET A 131 -23.85 15.65 0.36
CA MET A 131 -23.43 14.40 1.00
C MET A 131 -24.49 13.28 0.88
N THR A 132 -25.38 13.45 -0.10
CA THR A 132 -26.53 12.56 -0.27
C THR A 132 -26.09 11.12 -0.27
N ASP A 133 -25.07 10.80 -1.06
CA ASP A 133 -24.66 9.41 -1.20
C ASP A 133 -23.40 9.07 -0.45
N VAL A 134 -22.98 9.94 0.45
CA VAL A 134 -21.82 9.59 1.28
C VAL A 134 -22.41 8.82 2.43
N THR A 135 -21.98 7.57 2.61
CA THR A 135 -22.42 6.75 3.77
C THR A 135 -21.25 6.30 4.61
N SER A 136 -21.57 5.60 5.68
CA SER A 136 -20.56 5.03 6.58
C SER A 136 -19.74 3.92 5.94
N ASN A 137 -20.16 3.45 4.78
CA ASN A 137 -19.48 2.40 4.02
C ASN A 137 -18.67 2.93 2.84
N SER A 138 -18.75 4.22 2.57
CA SER A 138 -18.11 4.78 1.38
C SER A 138 -16.57 4.65 1.44
N TYR A 139 -16.00 4.99 2.59
CA TYR A 139 -14.53 4.99 2.73
C TYR A 139 -13.96 3.60 2.49
N VAL A 140 -14.58 2.57 3.09
CA VAL A 140 -14.02 1.21 2.99
C VAL A 140 -14.09 0.63 1.58
N GLN A 141 -15.06 1.09 0.80
CA GLN A 141 -15.12 0.74 -0.64
C GLN A 141 -14.12 1.57 -1.51
N MET A 142 -13.80 2.79 -1.06
CA MET A 142 -12.87 3.70 -1.78
C MET A 142 -11.41 3.55 -1.35
N MET A 143 -11.18 3.12 -0.11
CA MET A 143 -9.86 3.25 0.46
C MET A 143 -8.74 2.51 -0.35
N PRO A 144 -7.51 3.02 -0.29
CA PRO A 144 -6.39 2.41 -1.01
C PRO A 144 -6.33 0.90 -0.83
N HIS A 145 -6.57 0.47 0.39
CA HIS A 145 -6.43 -0.93 0.76
C HIS A 145 -7.75 -1.66 0.82
N THR A 146 -8.75 -1.22 0.03
CA THR A 146 -10.07 -1.85 -0.01
C THR A 146 -9.99 -3.34 -0.40
N THR A 147 -9.18 -3.66 -1.41
CA THR A 147 -9.06 -5.03 -1.83
C THR A 147 -8.47 -5.87 -0.65
N ALA A 148 -7.37 -5.42 -0.07
CA ALA A 148 -6.64 -6.22 0.94
C ALA A 148 -7.49 -6.47 2.17
N VAL A 149 -8.14 -5.42 2.66
CA VAL A 149 -8.96 -5.52 3.82
C VAL A 149 -10.22 -6.39 3.54
N ASN A 150 -10.86 -6.22 2.39
CA ASN A 150 -12.06 -7.01 2.07
C ASN A 150 -11.78 -8.51 1.94
N VAL A 151 -10.67 -8.85 1.32
CA VAL A 151 -10.24 -10.22 1.22
C VAL A 151 -9.95 -10.78 2.62
N SER A 152 -9.15 -10.05 3.41
CA SER A 152 -8.76 -10.51 4.75
C SER A 152 -9.95 -10.72 5.68
N LEU A 153 -10.84 -9.73 5.72
CA LEU A 153 -12.05 -9.79 6.50
C LEU A 153 -12.95 -10.91 6.08
N PHE A 154 -13.02 -11.20 4.78
CA PHE A 154 -13.96 -12.17 4.27
C PHE A 154 -13.72 -13.57 4.87
N TRP A 155 -12.49 -13.92 5.18
CA TRP A 155 -12.21 -15.22 5.80
C TRP A 155 -11.77 -15.05 7.23
N ASP A 156 -12.09 -13.89 7.78
CA ASP A 156 -11.81 -13.66 9.16
C ASP A 156 -10.35 -13.84 9.48
N LEU A 157 -9.48 -13.49 8.53
CA LEU A 157 -8.04 -13.76 8.68
C LEU A 157 -7.44 -12.79 9.70
N LYS A 158 -6.39 -13.25 10.40
CA LYS A 158 -5.84 -12.53 11.51
C LYS A 158 -4.34 -12.35 11.38
N GLY A 159 -3.83 -12.58 10.18
CA GLY A 159 -2.43 -12.36 9.87
C GLY A 159 -2.17 -10.93 9.44
N ARG A 160 -0.96 -10.65 9.00
CA ARG A 160 -0.59 -9.29 8.63
C ARG A 160 -1.18 -8.94 7.29
N ILE A 161 -1.59 -7.66 7.15
CA ILE A 161 -2.06 -7.11 5.90
C ILE A 161 -0.91 -6.25 5.32
N VAL A 162 -0.47 -6.63 4.12
CA VAL A 162 0.52 -5.93 3.39
C VAL A 162 -0.18 -5.24 2.21
N PRO A 163 -0.45 -3.97 2.35
CA PRO A 163 -1.18 -3.27 1.29
C PRO A 163 -0.19 -3.00 0.20
N THR A 164 -0.43 -3.51 -1.01
CA THR A 164 0.48 -3.24 -2.13
C THR A 164 -0.26 -2.52 -3.25
N SER A 165 -0.92 -1.43 -2.90
CA SER A 165 -1.63 -0.64 -3.93
C SER A 165 -0.65 0.31 -4.62
N SER A 166 -0.11 -0.15 -5.75
CA SER A 166 0.96 0.59 -6.49
C SER A 166 0.65 0.57 -7.97
N ALA A 167 -0.58 0.90 -8.29
CA ALA A 167 -1.06 0.88 -9.67
C ALA A 167 -0.74 -0.46 -10.32
N CYS A 168 -0.05 -0.42 -11.45
CA CYS A 168 0.31 -1.57 -12.23
C CYS A 168 1.18 -2.62 -11.52
N ALA A 169 1.90 -2.19 -10.50
CA ALA A 169 2.81 -3.08 -9.76
C ALA A 169 2.12 -3.76 -8.58
N SER A 170 0.81 -3.62 -8.46
CA SER A 170 0.08 -4.00 -7.22
C SER A 170 0.18 -5.51 -6.98
N GLY A 171 -0.08 -6.25 -8.05
CA GLY A 171 -0.18 -7.68 -7.98
C GLY A 171 1.17 -8.35 -7.84
N SER A 172 2.17 -7.78 -8.50
CA SER A 172 3.54 -8.33 -8.43
C SER A 172 4.21 -7.98 -7.12
N GLN A 173 4.02 -6.76 -6.62
CA GLN A 173 4.52 -6.46 -5.28
C GLN A 173 3.81 -7.30 -4.21
N ALA A 174 2.53 -7.60 -4.42
CA ALA A 174 1.81 -8.44 -3.47
C ALA A 174 2.51 -9.79 -3.43
N ILE A 175 2.77 -10.37 -4.59
CA ILE A 175 3.38 -11.68 -4.65
C ILE A 175 4.76 -11.63 -4.02
N GLY A 176 5.54 -10.62 -4.41
CA GLY A 176 6.91 -10.50 -3.93
C GLY A 176 7.02 -10.27 -2.45
N TYR A 177 6.27 -9.31 -1.94
CA TYR A 177 6.35 -8.99 -0.54
C TYR A 177 5.70 -10.10 0.33
N ALA A 178 4.64 -10.73 -0.17
CA ALA A 178 4.07 -11.91 0.54
C ALA A 178 5.12 -13.02 0.61
N TYR A 179 5.81 -13.21 -0.49
CA TYR A 179 6.91 -14.18 -0.57
C TYR A 179 7.99 -13.94 0.49
N GLU A 180 8.39 -12.70 0.62
CA GLU A 180 9.43 -12.38 1.57
C GLU A 180 8.91 -12.54 3.02
N ASN A 181 7.64 -12.21 3.24
CA ASN A 181 7.04 -12.42 4.57
C ASN A 181 7.09 -13.91 4.99
N ILE A 182 6.77 -14.81 4.06
CA ILE A 182 6.81 -16.26 4.38
C ILE A 182 8.25 -16.74 4.51
N ALA A 183 9.11 -16.35 3.59
CA ALA A 183 10.53 -16.70 3.64
C ALA A 183 11.15 -16.33 4.97
N MET A 184 10.76 -15.16 5.45
CA MET A 184 11.30 -14.56 6.66
C MET A 184 10.62 -15.12 7.93
N GLY A 185 9.62 -15.98 7.77
CA GLY A 185 8.98 -16.64 8.90
C GLY A 185 7.88 -15.88 9.59
N LYS A 186 7.40 -14.79 9.00
CA LYS A 186 6.37 -13.95 9.67
C LYS A 186 4.98 -14.53 9.56
N GLN A 187 4.74 -15.28 8.48
CA GLN A 187 3.47 -15.87 8.20
C GLN A 187 3.73 -17.22 7.56
N THR A 188 2.83 -18.16 7.81
CA THR A 188 2.91 -19.48 7.22
C THR A 188 2.30 -19.48 5.84
N LEU A 189 1.25 -18.69 5.67
CA LEU A 189 0.52 -18.60 4.42
C LEU A 189 0.20 -17.16 4.12
N MET A 190 0.01 -16.86 2.85
CA MET A 190 -0.42 -15.53 2.40
C MET A 190 -1.30 -15.68 1.17
N LEU A 191 -2.41 -14.95 1.15
CA LEU A 191 -3.11 -14.64 -0.09
C LEU A 191 -2.40 -13.42 -0.70
N ALA A 192 -1.98 -13.52 -1.95
CA ALA A 192 -1.35 -12.40 -2.62
C ALA A 192 -1.97 -12.21 -3.99
N GLY A 193 -2.34 -10.99 -4.30
CA GLY A 193 -2.92 -10.70 -5.59
C GLY A 193 -3.08 -9.24 -5.88
N GLY A 194 -3.80 -8.99 -6.97
CA GLY A 194 -4.13 -7.65 -7.39
C GLY A 194 -5.44 -7.66 -8.11
N ALA A 195 -6.05 -6.48 -8.21
CA ALA A 195 -7.39 -6.35 -8.80
C ALA A 195 -7.63 -4.96 -9.36
N GLU A 196 -8.58 -4.84 -10.29
CA GLU A 196 -9.02 -3.56 -10.77
C GLU A 196 -10.42 -3.66 -11.37
N GLU A 197 -11.21 -2.59 -11.20
CA GLU A 197 -12.51 -2.51 -11.86
C GLU A 197 -12.40 -1.50 -12.99
N LEU A 198 -13.02 -1.80 -14.11
CA LEU A 198 -12.95 -0.93 -15.28
C LEU A 198 -13.82 0.29 -15.01
N SER A 199 -13.27 1.45 -15.28
CA SER A 199 -14.05 2.68 -15.24
C SER A 199 -13.47 3.72 -16.19
N GLY A 200 -14.28 4.75 -16.47
CA GLY A 200 -13.84 5.84 -17.32
C GLY A 200 -12.59 6.51 -16.76
N PRO A 201 -12.64 6.88 -15.49
CA PRO A 201 -11.47 7.46 -14.84
C PRO A 201 -10.23 6.59 -14.92
N ALA A 202 -10.38 5.29 -14.75
CA ALA A 202 -9.24 4.38 -14.85
C ALA A 202 -8.62 4.55 -16.26
N VAL A 203 -9.45 4.68 -17.30
CA VAL A 203 -8.92 4.86 -18.65
C VAL A 203 -8.33 6.26 -18.85
N ALA A 204 -8.97 7.28 -18.28
CA ALA A 204 -8.45 8.67 -18.36
C ALA A 204 -6.99 8.79 -17.87
N VAL A 205 -6.63 8.00 -16.86
CA VAL A 205 -5.23 7.97 -16.33
C VAL A 205 -4.22 7.86 -17.49
N PHE A 206 -4.46 6.90 -18.35
CA PHE A 206 -3.60 6.66 -19.49
C PHE A 206 -3.99 7.49 -20.74
N ASP A 207 -5.28 7.72 -20.93
CA ASP A 207 -5.74 8.51 -22.08
C ASP A 207 -5.19 9.94 -22.05
N THR A 208 -5.12 10.55 -20.86
CA THR A 208 -4.55 11.87 -20.71
C THR A 208 -3.05 11.91 -20.95
N LEU A 209 -2.39 10.76 -20.92
CA LEU A 209 -0.98 10.67 -21.27
C LEU A 209 -0.79 10.35 -22.73
N TYR A 210 -1.87 10.27 -23.51
CA TYR A 210 -1.83 9.76 -24.89
C TYR A 210 -1.19 8.37 -24.99
N ALA A 211 -1.39 7.52 -23.99
CA ALA A 211 -0.81 6.18 -23.98
C ALA A 211 -1.81 5.14 -24.42
N THR A 212 -3.07 5.55 -24.57
CA THR A 212 -4.10 4.63 -25.00
C THR A 212 -4.15 4.50 -26.54
N SER A 213 -4.39 3.29 -27.02
CA SER A 213 -4.74 3.07 -28.42
C SER A 213 -6.07 3.76 -28.78
N THR A 214 -6.14 4.36 -29.96
CA THR A 214 -7.32 5.01 -30.43
C THR A 214 -7.84 4.39 -31.75
N ARG A 215 -7.49 3.14 -32.03
CA ARG A 215 -8.05 2.46 -33.18
C ARG A 215 -9.45 2.00 -32.85
N ASN A 216 -10.36 2.97 -32.74
CA ASN A 216 -11.66 2.74 -32.12
C ASN A 216 -12.58 1.82 -32.94
N ASP A 217 -12.28 1.68 -34.22
CA ASP A 217 -13.00 0.79 -35.09
C ASP A 217 -12.41 -0.60 -35.27
N GLU A 218 -11.25 -0.87 -34.70
CA GLU A 218 -10.58 -2.14 -34.91
C GLU A 218 -10.11 -2.78 -33.61
N PRO A 219 -11.06 -3.11 -32.71
CA PRO A 219 -10.71 -3.67 -31.40
C PRO A 219 -9.98 -5.00 -31.47
N HIS A 220 -10.31 -5.81 -32.46
CA HIS A 220 -9.62 -7.08 -32.68
C HIS A 220 -8.17 -6.95 -33.07
N LEU A 221 -7.75 -5.75 -33.46
CA LEU A 221 -6.41 -5.54 -34.02
C LEU A 221 -5.46 -4.77 -33.06
N THR A 222 -5.92 -4.52 -31.84
CA THR A 222 -5.18 -3.68 -30.89
C THR A 222 -5.51 -4.20 -29.47
N PRO A 223 -4.54 -4.15 -28.54
CA PRO A 223 -3.18 -3.57 -28.62
C PRO A 223 -2.21 -4.53 -29.28
N ARG A 224 -0.99 -4.06 -29.51
CA ARG A 224 -0.03 -4.77 -30.34
C ARG A 224 1.39 -4.70 -29.73
N PRO A 225 1.60 -5.37 -28.61
CA PRO A 225 2.89 -5.26 -27.96
C PRO A 225 4.08 -5.54 -28.88
N PHE A 226 5.07 -4.65 -28.85
CA PHE A 226 6.33 -4.77 -29.64
C PHE A 226 6.15 -4.66 -31.15
N ASP A 227 4.95 -4.35 -31.60
CA ASP A 227 4.64 -4.28 -33.03
C ASP A 227 4.92 -2.86 -33.58
N ALA A 228 5.38 -2.83 -34.83
CA ALA A 228 5.73 -1.56 -35.51
C ALA A 228 4.53 -0.67 -35.72
N LYS A 229 3.33 -1.24 -35.70
CA LYS A 229 2.13 -0.47 -35.98
C LYS A 229 1.32 -0.21 -34.73
N ARG A 230 1.86 -0.52 -33.56
CA ARG A 230 1.09 -0.33 -32.31
C ARG A 230 0.87 1.16 -32.10
N ASP A 231 -0.20 1.52 -31.38
CA ASP A 231 -0.47 2.93 -31.06
C ASP A 231 -1.00 3.11 -29.62
N GLY A 232 -0.55 2.28 -28.70
CA GLY A 232 -0.95 2.41 -27.30
C GLY A 232 -1.60 1.19 -26.71
N LEU A 233 -1.93 1.30 -25.42
CA LEU A 233 -2.48 0.20 -24.64
C LEU A 233 -3.99 0.17 -24.69
N VAL A 234 -4.55 -0.91 -24.18
CA VAL A 234 -5.97 -0.99 -23.93
C VAL A 234 -6.15 -1.46 -22.49
N VAL A 235 -6.97 -0.71 -21.76
CA VAL A 235 -7.25 -0.98 -20.36
C VAL A 235 -8.25 -2.12 -20.18
N GLY A 236 -7.91 -3.04 -19.29
CA GLY A 236 -8.76 -4.14 -18.91
C GLY A 236 -9.08 -4.13 -17.42
N GLU A 237 -9.52 -5.29 -16.92
CA GLU A 237 -9.94 -5.40 -15.53
C GLU A 237 -9.92 -6.84 -15.03
N GLY A 238 -10.22 -7.01 -13.75
CA GLY A 238 -10.36 -8.36 -13.14
C GLY A 238 -9.56 -8.48 -11.84
N ALA A 239 -9.19 -9.71 -11.50
CA ALA A 239 -8.36 -9.99 -10.34
C ALA A 239 -7.75 -11.35 -10.46
N ALA A 240 -6.70 -11.56 -9.68
CA ALA A 240 -6.02 -12.85 -9.62
C ALA A 240 -5.36 -12.97 -8.24
N THR A 241 -5.45 -14.15 -7.65
CA THR A 241 -4.88 -14.41 -6.36
C THR A 241 -4.04 -15.68 -6.42
N LEU A 242 -2.86 -15.63 -5.81
CA LEU A 242 -2.09 -16.83 -5.54
C LEU A 242 -2.07 -17.12 -4.03
N VAL A 243 -2.16 -18.40 -3.69
CA VAL A 243 -1.94 -18.85 -2.32
C VAL A 243 -0.44 -19.23 -2.20
N LEU A 244 0.29 -18.48 -1.43
CA LEU A 244 1.69 -18.78 -1.17
C LEU A 244 1.74 -19.50 0.14
N GLU A 245 2.68 -20.42 0.27
CA GLU A 245 2.68 -21.28 1.45
C GLU A 245 4.10 -21.75 1.75
N GLU A 246 4.46 -21.73 3.03
CA GLU A 246 5.78 -22.22 3.41
C GLU A 246 5.89 -23.69 2.99
N TYR A 247 7.07 -24.07 2.55
CA TYR A 247 7.28 -25.33 1.85
C TYR A 247 6.99 -26.57 2.71
N GLU A 248 7.54 -26.65 3.93
CA GLU A 248 7.30 -27.83 4.79
C GLU A 248 5.82 -27.95 5.16
N HIS A 249 5.19 -26.82 5.42
CA HIS A 249 3.77 -26.82 5.70
C HIS A 249 2.98 -27.39 4.54
N ALA A 250 3.29 -26.94 3.32
CA ALA A 250 2.67 -27.52 2.11
C ALA A 250 2.92 -29.06 1.99
N LYS A 251 4.18 -29.46 2.05
CA LYS A 251 4.56 -30.87 2.02
C LYS A 251 3.78 -31.66 3.11
N ALA A 252 3.84 -31.22 4.37
CA ALA A 252 3.18 -31.94 5.50
C ALA A 252 1.67 -32.18 5.31
N ARG A 253 0.94 -31.30 4.63
CA ARG A 253 -0.49 -31.56 4.40
C ARG A 253 -0.75 -32.20 3.01
N GLY A 254 0.29 -32.56 2.29
CA GLY A 254 0.18 -33.17 0.97
C GLY A 254 -0.37 -32.28 -0.12
N ALA A 255 -0.07 -31.00 -0.09
CA ALA A 255 -0.64 -30.06 -1.03
C ALA A 255 -0.09 -30.33 -2.42
N THR A 256 -0.92 -30.12 -3.44
CA THR A 256 -0.47 -30.07 -4.81
C THR A 256 0.28 -28.74 -5.01
N ILE A 257 1.55 -28.81 -5.40
CA ILE A 257 2.40 -27.60 -5.48
C ILE A 257 2.54 -27.17 -6.93
N HIS A 258 2.11 -25.93 -7.26
CA HIS A 258 2.08 -25.44 -8.66
C HIS A 258 3.42 -24.96 -9.12
N ALA A 259 4.16 -24.35 -8.22
CA ALA A 259 5.49 -23.78 -8.52
C ALA A 259 6.13 -23.36 -7.22
N GLU A 260 7.41 -23.01 -7.29
CA GLU A 260 8.12 -22.42 -6.16
C GLU A 260 8.57 -21.03 -6.59
N ILE A 261 8.49 -20.08 -5.68
CA ILE A 261 8.98 -18.73 -5.95
C ILE A 261 10.37 -18.70 -5.47
N VAL A 262 11.30 -18.35 -6.37
CA VAL A 262 12.73 -18.41 -6.02
C VAL A 262 13.43 -17.06 -6.04
N GLY A 263 12.86 -16.05 -6.67
CA GLY A 263 13.43 -14.72 -6.63
C GLY A 263 12.45 -13.59 -6.82
N PHE A 264 12.74 -12.48 -6.18
CA PHE A 264 11.96 -11.28 -6.35
C PHE A 264 12.87 -10.09 -6.34
N GLY A 265 12.78 -9.26 -7.37
CA GLY A 265 13.57 -8.02 -7.45
C GLY A 265 12.61 -6.84 -7.57
N CYS A 266 12.88 -5.79 -6.82
CA CYS A 266 12.06 -4.63 -6.83
C CYS A 266 12.89 -3.39 -6.62
N ASN A 267 12.74 -2.46 -7.56
CA ASN A 267 13.42 -1.17 -7.49
C ASN A 267 12.60 -0.09 -8.19
N SER A 268 13.18 1.11 -8.30
CA SER A 268 12.60 2.16 -9.15
C SER A 268 13.63 2.92 -9.97
N ASP A 269 13.14 3.52 -11.05
CA ASP A 269 13.97 4.29 -11.96
C ASP A 269 14.51 5.58 -11.36
N GLY A 270 13.78 6.15 -10.40
CA GLY A 270 14.09 7.42 -9.81
C GLY A 270 14.37 8.54 -10.81
N ALA A 271 13.64 8.57 -11.92
CA ALA A 271 13.92 9.47 -13.00
C ALA A 271 12.65 10.15 -13.39
N HIS A 272 11.69 9.39 -13.90
CA HIS A 272 10.43 9.96 -14.39
C HIS A 272 9.20 9.25 -13.85
N MET A 273 8.10 10.00 -13.81
CA MET A 273 6.82 9.49 -13.33
C MET A 273 6.18 8.46 -14.31
N THR A 274 6.36 8.68 -15.62
CA THR A 274 5.70 7.85 -16.64
C THR A 274 6.66 7.25 -17.67
N GLN A 275 7.65 8.02 -18.10
CA GLN A 275 8.67 7.51 -19.02
C GLN A 275 9.61 6.51 -18.31
N PRO A 276 9.69 5.26 -18.78
CA PRO A 276 10.56 4.26 -18.14
C PRO A 276 12.05 4.38 -18.51
N THR A 277 12.93 4.02 -17.59
CA THR A 277 14.37 3.99 -17.82
C THR A 277 14.91 2.54 -17.88
N ALA A 278 15.38 2.14 -19.06
CA ALA A 278 15.83 0.76 -19.32
C ALA A 278 16.85 0.19 -18.33
N SER A 279 17.81 0.99 -17.88
CA SER A 279 18.90 0.43 -17.05
C SER A 279 18.39 -0.09 -15.71
N THR A 280 17.53 0.68 -15.07
CA THR A 280 16.97 0.31 -13.78
C THR A 280 15.90 -0.78 -13.91
N MET A 281 15.23 -0.84 -15.07
CA MET A 281 14.34 -1.97 -15.37
C MET A 281 15.16 -3.27 -15.44
N ALA A 282 16.30 -3.22 -16.14
CA ALA A 282 17.24 -4.36 -16.19
C ALA A 282 17.68 -4.74 -14.79
N ARG A 283 18.05 -3.73 -14.00
CA ARG A 283 18.57 -3.95 -12.63
C ARG A 283 17.57 -4.70 -11.76
N ALA A 284 16.28 -4.41 -11.95
CA ALA A 284 15.25 -5.15 -11.24
C ALA A 284 15.29 -6.67 -11.58
N MET A 285 15.47 -7.00 -12.86
CA MET A 285 15.64 -8.38 -13.29
C MET A 285 16.87 -9.04 -12.63
N GLN A 286 18.01 -8.32 -12.62
CA GLN A 286 19.27 -8.75 -11.96
C GLN A 286 19.05 -9.01 -10.48
N LEU A 287 18.39 -8.08 -9.82
CA LEU A 287 18.05 -8.26 -8.39
C LEU A 287 17.31 -9.57 -8.17
N ALA A 288 16.39 -9.92 -9.08
CA ALA A 288 15.63 -11.17 -8.92
C ALA A 288 16.57 -12.37 -9.12
N LEU A 289 17.39 -12.29 -10.17
CA LEU A 289 18.38 -13.34 -10.47
C LEU A 289 19.34 -13.53 -9.29
N GLU A 290 19.81 -12.42 -8.72
CA GLU A 290 20.68 -12.47 -7.54
C GLU A 290 19.95 -13.09 -6.34
N ASP A 291 18.68 -12.74 -6.14
CA ASP A 291 17.89 -13.28 -5.05
C ASP A 291 17.73 -14.78 -5.24
N ALA A 292 17.57 -15.23 -6.49
CA ALA A 292 17.42 -16.68 -6.79
C ALA A 292 18.78 -17.41 -6.89
N LYS A 293 19.89 -16.67 -6.76
CA LYS A 293 21.24 -17.19 -6.97
C LYS A 293 21.33 -17.97 -8.33
N LEU A 294 20.79 -17.34 -9.38
CA LEU A 294 20.76 -17.89 -10.74
C LEU A 294 21.46 -16.96 -11.70
N ASP A 295 22.06 -17.54 -12.73
CA ASP A 295 22.56 -16.78 -13.86
C ASP A 295 21.42 -16.56 -14.84
N ALA A 296 21.54 -15.49 -15.59
CA ALA A 296 20.59 -15.17 -16.62
C ALA A 296 20.24 -16.39 -17.47
N ASN A 297 21.27 -17.22 -17.72
CA ASN A 297 21.13 -18.42 -18.55
C ASN A 297 20.05 -19.37 -18.11
N ALA A 298 19.74 -19.38 -16.81
CA ALA A 298 18.75 -20.31 -16.27
C ALA A 298 17.32 -20.01 -16.72
N ILE A 299 17.06 -18.80 -17.19
CA ILE A 299 15.66 -18.39 -17.47
C ILE A 299 15.28 -18.81 -18.88
N ALA A 300 14.26 -19.68 -18.99
CA ALA A 300 13.83 -20.18 -20.29
C ALA A 300 12.80 -19.26 -20.99
N TYR A 301 12.14 -18.39 -20.23
CA TYR A 301 11.07 -17.52 -20.81
C TYR A 301 10.83 -16.32 -19.92
N VAL A 302 10.52 -15.22 -20.57
CA VAL A 302 10.09 -14.03 -19.90
C VAL A 302 8.66 -13.73 -20.30
N ASN A 303 7.78 -13.55 -19.29
CA ASN A 303 6.46 -12.95 -19.51
C ASN A 303 6.61 -11.44 -19.38
N ALA A 304 6.63 -10.78 -20.52
CA ALA A 304 6.70 -9.34 -20.62
C ALA A 304 5.55 -8.66 -19.88
N HIS A 305 5.80 -7.40 -19.55
CA HIS A 305 4.76 -6.47 -19.16
C HIS A 305 4.02 -6.15 -20.41
N GLY A 306 4.76 -5.69 -21.44
CA GLY A 306 4.25 -5.63 -22.81
C GLY A 306 2.94 -4.89 -22.98
N THR A 307 2.93 -3.62 -22.56
CA THR A 307 1.72 -2.78 -22.53
C THR A 307 1.26 -2.29 -23.90
N SER A 308 2.18 -2.26 -24.87
CA SER A 308 1.92 -1.76 -26.24
C SER A 308 2.00 -0.26 -26.32
N THR A 309 2.58 0.39 -25.33
CA THR A 309 2.87 1.81 -25.46
C THR A 309 4.13 1.99 -26.30
N ASP A 310 4.34 3.20 -26.78
CA ASP A 310 5.50 3.47 -27.59
C ASP A 310 6.80 3.28 -26.78
N ARG A 311 7.01 4.10 -25.78
CA ARG A 311 8.25 4.04 -24.98
C ARG A 311 8.37 2.79 -24.09
N GLY A 312 7.23 2.30 -23.59
CA GLY A 312 7.21 1.17 -22.65
C GLY A 312 7.80 -0.07 -23.29
N ASP A 313 7.33 -0.40 -24.48
CA ASP A 313 7.81 -1.57 -25.16
C ASP A 313 9.30 -1.45 -25.56
N VAL A 314 9.71 -0.29 -26.03
CA VAL A 314 11.14 -0.09 -26.39
C VAL A 314 12.03 -0.28 -25.15
N ALA A 315 11.77 0.47 -24.09
CA ALA A 315 12.52 0.35 -22.85
C ALA A 315 12.55 -1.06 -22.33
N GLU A 316 11.39 -1.74 -22.30
CA GLU A 316 11.32 -3.10 -21.78
C GLU A 316 12.20 -4.05 -22.62
N SER A 317 12.09 -3.93 -23.95
CA SER A 317 12.88 -4.78 -24.84
C SER A 317 14.35 -4.62 -24.60
N GLN A 318 14.81 -3.39 -24.49
CA GLN A 318 16.24 -3.11 -24.27
C GLN A 318 16.66 -3.69 -22.94
N ALA A 319 15.85 -3.46 -21.90
CA ALA A 319 16.14 -3.98 -20.56
C ALA A 319 16.28 -5.50 -20.56
N THR A 320 15.38 -6.16 -21.29
CA THR A 320 15.38 -7.60 -21.37
C THR A 320 16.59 -8.12 -22.17
N ALA A 321 16.89 -7.48 -23.30
CA ALA A 321 18.04 -7.86 -24.12
C ALA A 321 19.31 -7.67 -23.33
N ARG A 322 19.38 -6.55 -22.63
CA ARG A 322 20.54 -6.24 -21.79
C ARG A 322 20.78 -7.35 -20.76
N THR A 323 19.72 -7.88 -20.16
CA THR A 323 19.87 -8.93 -19.14
C THR A 323 20.12 -10.31 -19.74
N PHE A 324 19.44 -10.64 -20.83
CA PHE A 324 19.45 -12.02 -21.32
C PHE A 324 20.08 -12.25 -22.69
N GLY A 325 20.27 -11.20 -23.49
CA GLY A 325 20.71 -11.36 -24.90
C GLY A 325 19.53 -11.58 -25.82
N GLU A 326 19.81 -11.71 -27.10
CA GLU A 326 18.72 -11.82 -28.11
C GLU A 326 17.94 -13.11 -28.07
N ARG A 327 18.43 -14.11 -27.37
CA ARG A 327 17.85 -15.46 -27.46
C ARG A 327 16.57 -15.63 -26.67
N MET A 328 16.24 -14.67 -25.83
CA MET A 328 15.18 -14.90 -24.82
C MET A 328 13.79 -14.91 -25.44
N PRO A 329 13.08 -16.03 -25.29
CA PRO A 329 11.67 -16.04 -25.67
C PRO A 329 10.86 -15.15 -24.75
N ILE A 330 9.93 -14.40 -25.34
CA ILE A 330 9.17 -13.41 -24.59
C ILE A 330 7.83 -13.23 -25.28
N SER A 331 6.79 -13.00 -24.50
CA SER A 331 5.48 -12.58 -25.04
C SER A 331 4.65 -11.86 -23.97
N SER A 332 3.58 -11.20 -24.44
CA SER A 332 2.75 -10.33 -23.60
C SER A 332 1.33 -10.82 -23.64
N LEU A 333 0.81 -11.20 -22.46
CA LEU A 333 -0.58 -11.61 -22.34
C LEU A 333 -1.53 -10.43 -22.45
N LYS A 334 -0.99 -9.20 -22.34
CA LYS A 334 -1.82 -7.98 -22.51
C LYS A 334 -2.34 -7.86 -23.93
N SER A 335 -1.72 -8.58 -24.86
CA SER A 335 -2.24 -8.70 -26.21
C SER A 335 -3.62 -9.38 -26.26
N TYR A 336 -3.97 -10.15 -25.22
CA TYR A 336 -5.27 -10.82 -25.12
C TYR A 336 -6.24 -10.10 -24.24
N VAL A 337 -5.82 -9.82 -23.02
CA VAL A 337 -6.72 -9.25 -22.00
C VAL A 337 -6.49 -7.76 -21.77
N GLY A 338 -5.61 -7.15 -22.55
CA GLY A 338 -5.27 -5.75 -22.33
C GLY A 338 -4.39 -5.57 -21.10
N HIS A 339 -4.25 -4.32 -20.67
CA HIS A 339 -3.51 -3.97 -19.47
C HIS A 339 -4.50 -3.95 -18.33
N THR A 340 -4.47 -5.00 -17.50
CA THR A 340 -5.47 -5.19 -16.47
C THR A 340 -5.10 -4.45 -15.16
N LEU A 341 -4.11 -3.55 -15.27
CA LEU A 341 -3.76 -2.58 -14.23
C LEU A 341 -3.39 -3.26 -12.90
N GLY A 342 -4.16 -2.97 -11.83
CA GLY A 342 -3.93 -3.58 -10.52
C GLY A 342 -3.78 -5.10 -10.56
N ALA A 343 -4.60 -5.75 -11.40
CA ALA A 343 -4.58 -7.21 -11.53
C ALA A 343 -3.37 -7.76 -12.28
N CYS A 344 -2.70 -6.93 -13.08
CA CYS A 344 -1.80 -7.47 -14.13
C CYS A 344 -0.65 -8.35 -13.63
N GLY A 345 0.00 -7.97 -12.55
CA GLY A 345 1.11 -8.77 -12.03
C GLY A 345 0.68 -10.13 -11.50
N ALA A 346 -0.52 -10.21 -10.91
CA ALA A 346 -1.05 -11.45 -10.37
C ALA A 346 -1.59 -12.35 -11.47
N LEU A 347 -2.39 -11.78 -12.36
CA LEU A 347 -2.95 -12.53 -13.47
C LEU A 347 -1.81 -13.11 -14.31
N GLU A 348 -0.85 -12.27 -14.64
CA GLU A 348 0.28 -12.69 -15.48
C GLU A 348 1.16 -13.70 -14.80
N ALA A 349 1.32 -13.59 -13.47
CA ALA A 349 2.09 -14.59 -12.75
C ALA A 349 1.37 -15.95 -12.85
N TRP A 350 0.07 -15.92 -12.55
CA TRP A 350 -0.79 -17.12 -12.59
C TRP A 350 -0.67 -17.80 -13.95
N TRP A 351 -0.98 -17.05 -15.01
CA TRP A 351 -0.98 -17.63 -16.37
C TRP A 351 0.39 -18.07 -16.78
N THR A 352 1.43 -17.35 -16.37
CA THR A 352 2.81 -17.77 -16.65
C THR A 352 3.14 -19.15 -16.00
N ILE A 353 2.65 -19.40 -14.80
CA ILE A 353 2.84 -20.68 -14.13
C ILE A 353 2.02 -21.79 -14.82
N GLU A 354 0.82 -21.47 -15.24
CA GLU A 354 -0.01 -22.41 -15.98
C GLU A 354 0.65 -22.80 -17.30
N MET A 355 1.22 -21.83 -18.00
CA MET A 355 1.89 -22.09 -19.23
C MET A 355 3.16 -22.92 -18.99
N MET A 356 3.92 -22.56 -17.97
CA MET A 356 5.12 -23.31 -17.61
C MET A 356 4.81 -24.76 -17.32
N LYS A 357 3.74 -25.02 -16.57
CA LYS A 357 3.37 -26.42 -16.24
C LYS A 357 3.06 -27.24 -17.46
N ARG A 358 2.63 -26.58 -18.54
CA ARG A 358 2.20 -27.31 -19.72
C ARG A 358 3.14 -27.22 -20.90
N ASN A 359 4.32 -26.67 -20.70
CA ASN A 359 5.29 -26.48 -21.80
C ASN A 359 4.74 -25.75 -23.03
N TRP A 360 3.83 -24.81 -22.78
CA TRP A 360 3.06 -24.18 -23.85
C TRP A 360 2.95 -22.71 -23.59
N TYR A 361 3.49 -21.91 -24.50
CA TYR A 361 3.65 -20.48 -24.27
C TYR A 361 2.95 -19.68 -25.37
N ALA A 362 1.91 -18.96 -24.97
CA ALA A 362 1.09 -18.20 -25.91
C ALA A 362 1.91 -17.12 -26.64
N PRO A 363 1.59 -16.90 -27.90
CA PRO A 363 2.29 -15.85 -28.62
C PRO A 363 1.69 -14.51 -28.25
N THR A 364 2.41 -13.43 -28.51
CA THR A 364 1.80 -12.10 -28.47
C THR A 364 0.87 -11.94 -29.67
N LEU A 365 -0.41 -11.78 -29.39
CA LEU A 365 -1.46 -11.53 -30.40
C LEU A 365 -1.20 -10.20 -31.09
N ASN A 366 -1.55 -10.12 -32.38
CA ASN A 366 -1.42 -8.91 -33.19
C ASN A 366 0.02 -8.33 -33.26
N LEU A 367 1.02 -9.24 -33.23
CA LEU A 367 2.42 -8.89 -33.46
C LEU A 367 2.85 -9.49 -34.80
N THR A 368 2.84 -8.67 -35.85
CA THR A 368 3.12 -9.15 -37.21
C THR A 368 4.44 -8.61 -37.78
N GLU A 369 4.84 -7.41 -37.35
CA GLU A 369 6.15 -6.86 -37.71
C GLU A 369 6.79 -6.29 -36.44
N VAL A 370 7.88 -6.91 -35.99
CA VAL A 370 8.56 -6.44 -34.81
C VAL A 370 9.14 -5.06 -35.08
N ASP A 371 8.79 -4.12 -34.22
CA ASP A 371 9.26 -2.76 -34.29
C ASP A 371 10.78 -2.72 -34.27
N PRO A 372 11.42 -2.15 -35.30
CA PRO A 372 12.89 -2.13 -35.27
C PRO A 372 13.47 -1.26 -34.14
N ALA A 373 12.68 -0.38 -33.54
CA ALA A 373 13.15 0.40 -32.43
C ALA A 373 13.20 -0.47 -31.16
N CYS A 374 12.56 -1.65 -31.18
CA CYS A 374 12.69 -2.60 -30.07
C CYS A 374 13.92 -3.50 -30.22
N ALA A 375 14.56 -3.85 -29.10
CA ALA A 375 15.72 -4.73 -29.12
C ALA A 375 15.32 -6.13 -29.61
N PRO A 376 16.21 -6.78 -30.40
CA PRO A 376 16.01 -8.16 -30.81
C PRO A 376 15.89 -9.10 -29.63
N LEU A 377 14.75 -9.78 -29.58
CA LEU A 377 14.48 -10.83 -28.61
C LEU A 377 13.81 -11.94 -29.38
N ASP A 378 13.55 -13.08 -28.76
CA ASP A 378 12.80 -14.12 -29.45
C ASP A 378 11.31 -13.89 -29.19
N TYR A 379 10.74 -12.97 -29.94
CA TYR A 379 9.34 -12.60 -29.79
C TYR A 379 8.49 -13.74 -30.32
N ILE A 380 7.87 -14.49 -29.42
CA ILE A 380 6.96 -15.57 -29.84
C ILE A 380 5.76 -14.94 -30.50
N ARG A 381 5.41 -15.41 -31.68
CA ARG A 381 4.24 -14.88 -32.37
C ARG A 381 3.76 -15.83 -33.41
N GLY A 382 2.48 -15.70 -33.76
CA GLY A 382 1.88 -16.52 -34.80
C GLY A 382 1.32 -17.80 -34.25
N GLU A 383 2.13 -18.56 -33.52
CA GLU A 383 1.72 -19.84 -32.92
C GLU A 383 2.31 -19.92 -31.49
N ALA A 384 1.71 -20.71 -30.61
CA ALA A 384 2.29 -20.90 -29.28
C ALA A 384 3.63 -21.64 -29.39
N ARG A 385 4.55 -21.40 -28.47
CA ARG A 385 5.85 -22.07 -28.47
C ARG A 385 5.86 -23.16 -27.40
N ALA A 386 6.43 -24.32 -27.74
CA ALA A 386 6.68 -25.38 -26.77
C ALA A 386 8.04 -25.14 -26.19
N ILE A 387 8.09 -24.93 -24.86
CA ILE A 387 9.36 -24.79 -24.14
C ILE A 387 9.25 -25.60 -22.88
N ASP A 388 10.34 -26.20 -22.47
CA ASP A 388 10.37 -26.98 -21.27
C ASP A 388 11.24 -26.24 -20.29
N ALA A 389 10.63 -25.41 -19.46
CA ALA A 389 11.39 -24.48 -18.64
C ALA A 389 11.63 -25.06 -17.26
N GLU A 390 12.81 -24.82 -16.73
CA GLU A 390 13.11 -25.07 -15.33
C GLU A 390 12.86 -23.79 -14.53
N TYR A 391 13.09 -22.63 -15.16
CA TYR A 391 12.72 -21.36 -14.57
C TYR A 391 12.08 -20.41 -15.56
N VAL A 392 11.09 -19.65 -15.04
CA VAL A 392 10.51 -18.56 -15.78
C VAL A 392 10.53 -17.27 -14.99
N MET A 393 10.46 -16.17 -15.71
CA MET A 393 10.42 -14.83 -15.13
C MET A 393 9.18 -14.07 -15.62
N SER A 394 8.55 -13.33 -14.70
CA SER A 394 7.45 -12.44 -15.08
C SER A 394 7.75 -11.05 -14.56
N ASN A 395 7.75 -10.08 -15.47
CA ASN A 395 8.15 -8.70 -15.17
C ASN A 395 6.98 -7.72 -15.29
N ASN A 396 7.07 -6.64 -14.54
CA ASN A 396 6.05 -5.58 -14.56
C ASN A 396 6.71 -4.29 -14.19
N PHE A 397 6.28 -3.24 -14.86
CA PHE A 397 6.89 -1.91 -14.71
C PHE A 397 5.78 -0.94 -14.65
N ALA A 398 5.80 -0.06 -13.66
CA ALA A 398 4.63 0.69 -13.29
C ALA A 398 4.88 2.21 -13.19
N PHE A 399 3.78 2.92 -13.05
CA PHE A 399 3.79 4.32 -12.64
C PHE A 399 4.81 4.62 -11.59
N GLY A 400 5.44 5.78 -11.71
CA GLY A 400 6.50 6.16 -10.79
C GLY A 400 7.81 5.41 -11.00
N GLY A 401 7.91 4.64 -12.09
CA GLY A 401 9.12 3.91 -12.36
C GLY A 401 9.33 2.71 -11.43
N ILE A 402 8.25 2.20 -10.82
CA ILE A 402 8.32 1.03 -9.93
C ILE A 402 8.47 -0.22 -10.76
N ASN A 403 9.58 -0.95 -10.55
CA ASN A 403 9.85 -2.16 -11.29
C ASN A 403 9.84 -3.41 -10.40
N THR A 404 9.25 -4.49 -10.94
CA THR A 404 9.25 -5.80 -10.28
C THR A 404 9.59 -6.90 -11.26
N SER A 405 10.30 -7.89 -10.75
CA SER A 405 10.70 -9.09 -11.49
C SER A 405 10.50 -10.29 -10.58
N LEU A 406 9.75 -11.27 -11.03
CA LEU A 406 9.48 -12.49 -10.26
C LEU A 406 10.05 -13.66 -10.99
N ILE A 407 10.73 -14.54 -10.24
CA ILE A 407 11.20 -15.80 -10.79
C ILE A 407 10.50 -17.01 -10.13
N PHE A 408 9.90 -17.86 -10.97
CA PHE A 408 9.24 -19.07 -10.54
C PHE A 408 10.04 -20.31 -11.00
N ARG A 409 10.17 -21.27 -10.10
CA ARG A 409 10.87 -22.51 -10.40
C ARG A 409 9.87 -23.60 -10.76
N ARG A 410 10.18 -24.36 -11.80
CA ARG A 410 9.34 -25.51 -12.20
C ARG A 410 9.26 -26.48 -11.07
N VAL A 411 8.09 -27.06 -10.88
CA VAL A 411 7.92 -28.20 -9.97
C VAL A 411 7.32 -29.28 -10.84
N ARG A 412 8.17 -30.23 -11.22
CA ARG A 412 7.83 -31.24 -12.18
C ARG A 412 7.18 -32.40 -11.48
N MET B 5 20.97 -11.58 10.15
CA MET B 5 19.96 -10.46 10.20
C MET B 5 20.62 -9.17 10.65
N LYS B 6 20.37 -8.09 9.92
CA LYS B 6 20.98 -6.79 10.27
C LYS B 6 20.20 -6.08 11.34
N ARG B 7 20.90 -5.33 12.17
CA ARG B 7 20.25 -4.46 13.12
C ARG B 7 19.88 -3.15 12.42
N VAL B 8 18.89 -2.43 12.94
CA VAL B 8 18.31 -1.25 12.26
C VAL B 8 18.14 -0.11 13.28
N VAL B 9 18.68 1.05 12.94
CA VAL B 9 18.65 2.22 13.83
C VAL B 9 18.01 3.39 13.10
N ILE B 10 17.65 4.42 13.86
CA ILE B 10 16.99 5.61 13.33
C ILE B 10 17.94 6.75 13.46
N THR B 11 18.38 7.30 12.32
CA THR B 11 19.40 8.37 12.30
C THR B 11 18.85 9.74 11.82
N GLY B 12 17.56 9.78 11.44
CA GLY B 12 16.88 11.01 11.03
C GLY B 12 15.42 10.99 11.43
N MET B 13 14.93 12.12 11.97
CA MET B 13 13.51 12.29 12.30
C MET B 13 13.06 13.72 11.97
N GLY B 14 11.86 13.83 11.37
CA GLY B 14 11.32 15.12 11.00
C GLY B 14 9.88 15.05 10.54
N GLY B 15 9.21 16.19 10.54
CA GLY B 15 7.84 16.25 10.09
C GLY B 15 7.22 17.64 10.13
N VAL B 16 5.99 17.72 9.64
CA VAL B 16 5.20 18.94 9.72
C VAL B 16 3.98 18.59 10.49
N THR B 17 3.78 19.26 11.61
CA THR B 17 2.71 18.92 12.55
C THR B 17 1.98 20.17 13.06
N ALA B 18 0.84 19.95 13.73
CA ALA B 18 0.04 21.06 14.25
C ALA B 18 0.80 21.81 15.32
N LEU B 19 1.86 21.22 15.86
CA LEU B 19 2.68 21.86 16.89
C LEU B 19 4.00 22.36 16.37
N GLY B 20 4.21 22.21 15.06
CA GLY B 20 5.39 22.76 14.41
C GLY B 20 6.22 21.63 13.83
N SER B 21 7.43 21.98 13.40
CA SER B 21 8.40 21.03 12.85
C SER B 21 9.60 20.70 13.75
N ARG B 22 10.21 21.70 14.35
CA ARG B 22 11.37 21.42 15.20
C ARG B 22 10.90 20.86 16.54
N TRP B 23 11.70 19.98 17.13
CA TRP B 23 11.33 19.40 18.40
C TRP B 23 11.23 20.43 19.47
N ASP B 24 12.17 21.39 19.49
CA ASP B 24 12.17 22.42 20.54
C ASP B 24 10.85 23.21 20.55
N GLU B 25 10.33 23.55 19.37
CA GLU B 25 8.96 24.19 19.29
C GLU B 25 7.88 23.24 19.79
N ILE B 26 7.98 21.96 19.42
CA ILE B 26 6.98 21.00 19.78
C ILE B 26 6.99 20.76 21.30
N GLU B 27 8.18 20.59 21.87
CA GLU B 27 8.32 20.43 23.32
C GLU B 27 7.68 21.58 24.07
N ALA B 28 7.93 22.81 23.63
CA ALA B 28 7.35 23.97 24.27
C ALA B 28 5.81 23.91 24.21
N ALA B 29 5.27 23.51 23.07
CA ALA B 29 3.83 23.41 22.90
C ALA B 29 3.27 22.32 23.82
N LEU B 30 3.87 21.12 23.79
CA LEU B 30 3.48 20.06 24.71
C LEU B 30 3.47 20.61 26.13
N LYS B 31 4.58 21.23 26.51
CA LYS B 31 4.74 21.76 27.87
C LYS B 31 3.71 22.83 28.21
N ALA B 32 3.32 23.65 27.24
CA ALA B 32 2.29 24.67 27.48
C ALA B 32 0.87 24.11 27.63
N GLY B 33 0.67 22.82 27.35
CA GLY B 33 -0.61 22.14 27.65
C GLY B 33 -1.89 22.58 26.94
N ARG B 34 -1.79 23.28 25.82
CA ARG B 34 -2.99 23.58 25.01
C ARG B 34 -2.97 22.66 23.79
N ASN B 35 -4.12 22.17 23.37
CA ASN B 35 -4.17 21.33 22.18
C ASN B 35 -4.17 22.20 20.92
N ALA B 36 -4.08 21.59 19.75
CA ALA B 36 -4.10 22.31 18.46
C ALA B 36 -5.47 22.19 17.76
N VAL B 37 -6.53 22.01 18.53
CA VAL B 37 -7.88 21.88 17.98
C VAL B 37 -8.55 23.24 17.74
N ARG B 38 -9.26 23.39 16.65
CA ARG B 38 -9.97 24.65 16.40
C ARG B 38 -11.34 24.39 15.80
N ARG B 39 -12.19 25.41 15.84
CA ARG B 39 -13.42 25.39 15.12
C ARG B 39 -13.17 25.48 13.62
N MET B 40 -14.05 24.85 12.84
CA MET B 40 -13.94 24.87 11.38
C MET B 40 -15.21 25.43 10.73
N PRO B 41 -15.42 26.75 10.79
CA PRO B 41 -16.66 27.34 10.25
C PRO B 41 -16.88 27.09 8.75
N ASP B 42 -15.81 26.94 8.00
CA ASP B 42 -15.92 26.65 6.57
C ASP B 42 -16.64 25.34 6.25
N TRP B 43 -16.65 24.40 7.20
CA TRP B 43 -17.35 23.13 7.03
C TRP B 43 -18.83 23.23 7.01
N ASP B 44 -19.39 24.42 7.25
CA ASP B 44 -20.81 24.67 6.99
C ASP B 44 -21.14 24.52 5.49
N TYR B 45 -20.11 24.57 4.66
CA TYR B 45 -20.25 24.24 3.26
C TYR B 45 -20.81 22.82 3.08
N PHE B 46 -20.43 21.89 3.95
CA PHE B 46 -20.78 20.48 3.74
C PHE B 46 -22.15 20.20 4.26
N GLU B 47 -22.87 19.36 3.55
CA GLU B 47 -24.30 19.18 3.81
C GLU B 47 -24.54 18.68 5.24
N SER B 48 -23.90 17.57 5.62
CA SER B 48 -24.28 16.80 6.82
C SER B 48 -23.09 16.35 7.70
N LEU B 49 -22.24 17.26 8.12
CA LEU B 49 -21.19 16.96 9.10
C LEU B 49 -21.66 17.48 10.42
N HIS B 50 -21.58 16.64 11.45
CA HIS B 50 -21.97 17.05 12.79
C HIS B 50 -20.86 17.81 13.42
N THR B 51 -19.62 17.31 13.29
CA THR B 51 -18.50 17.98 13.93
C THR B 51 -18.12 19.24 13.18
N ARG B 52 -17.69 20.23 13.95
CA ARG B 52 -17.05 21.43 13.42
C ARG B 52 -15.65 21.59 14.05
N LEU B 53 -15.01 20.48 14.36
CA LEU B 53 -13.66 20.52 14.96
C LEU B 53 -12.61 19.85 14.08
N ALA B 54 -11.40 20.39 14.11
CA ALA B 54 -10.23 19.71 13.54
C ALA B 54 -8.98 20.32 14.16
N ALA B 55 -7.85 19.65 13.94
CA ALA B 55 -6.53 20.16 14.31
C ALA B 55 -5.69 20.32 13.02
N PRO B 56 -5.95 21.37 12.25
CA PRO B 56 -5.15 21.61 11.05
C PRO B 56 -3.70 21.99 11.30
N LEU B 57 -2.85 21.91 10.26
CA LEU B 57 -1.50 22.56 10.35
C LEU B 57 -1.72 24.10 10.41
N PRO B 58 -0.92 24.83 11.19
CA PRO B 58 -0.99 26.31 11.11
C PRO B 58 -0.34 26.80 9.80
N GLY B 59 -0.98 26.48 8.71
CA GLY B 59 -0.44 26.75 7.41
C GLY B 59 0.63 25.77 7.04
N PHE B 60 1.09 25.89 5.81
CA PHE B 60 2.10 25.02 5.29
C PHE B 60 2.95 25.81 4.27
N ALA B 61 4.19 26.07 4.63
CA ALA B 61 5.09 26.86 3.79
C ALA B 61 5.80 25.96 2.79
N GLN B 62 5.32 25.94 1.55
CA GLN B 62 5.97 25.21 0.46
C GLN B 62 7.32 25.84 0.11
N PRO B 63 8.46 25.11 0.27
CA PRO B 63 9.76 25.75 0.01
C PRO B 63 9.89 26.30 -1.41
N ALA B 64 10.50 27.47 -1.51
CA ALA B 64 10.65 28.19 -2.81
C ALA B 64 11.47 27.43 -3.85
N ASP B 65 12.48 26.70 -3.40
CA ASP B 65 13.40 26.03 -4.33
C ASP B 65 12.84 24.72 -4.95
N TRP B 66 11.63 24.33 -4.62
CA TRP B 66 11.08 23.09 -5.16
C TRP B 66 10.70 23.24 -6.65
N PRO B 67 11.25 22.37 -7.52
CA PRO B 67 11.01 22.53 -8.97
C PRO B 67 9.64 22.03 -9.47
N ARG B 68 8.99 22.86 -10.30
CA ARG B 68 7.70 22.56 -10.95
C ARG B 68 7.60 21.14 -11.50
N LYS B 69 8.67 20.65 -12.13
CA LYS B 69 8.67 19.33 -12.73
C LYS B 69 8.32 18.29 -11.66
N LYS B 70 8.69 18.59 -10.41
CA LYS B 70 8.45 17.68 -9.30
C LYS B 70 7.13 18.00 -8.57
N THR B 71 6.83 19.30 -8.37
CA THR B 71 5.64 19.66 -7.59
C THR B 71 4.32 19.46 -8.35
N ARG B 72 4.34 19.42 -9.70
CA ARG B 72 3.12 19.17 -10.49
C ARG B 72 2.42 17.91 -10.05
N SER B 73 3.17 16.94 -9.53
CA SER B 73 2.65 15.62 -9.14
C SER B 73 2.12 15.55 -7.73
N MET B 74 2.17 16.69 -7.01
CA MET B 74 1.89 16.72 -5.56
C MET B 74 0.69 17.52 -5.18
N GLY B 75 -0.25 16.91 -4.48
CA GLY B 75 -1.21 17.66 -3.71
C GLY B 75 -0.64 17.80 -2.32
N ARG B 76 -1.43 18.30 -1.38
CA ARG B 76 -0.89 18.70 -0.07
C ARG B 76 -0.27 17.54 0.69
N VAL B 77 -0.97 16.40 0.71
CA VAL B 77 -0.48 15.25 1.48
C VAL B 77 0.94 14.82 0.99
N SER B 78 1.16 14.85 -0.30
CA SER B 78 2.48 14.52 -0.85
C SER B 78 3.49 15.63 -0.55
N MET B 79 3.04 16.89 -0.56
CA MET B 79 3.91 18.00 -0.15
C MET B 79 4.32 17.87 1.32
N TYR B 80 3.38 17.49 2.19
CA TYR B 80 3.69 17.25 3.58
C TYR B 80 4.74 16.16 3.70
N ALA B 81 4.51 15.05 3.00
CA ALA B 81 5.37 13.90 3.07
C ALA B 81 6.78 14.27 2.67
N VAL B 82 6.91 14.95 1.53
CA VAL B 82 8.17 15.36 1.02
C VAL B 82 8.88 16.32 2.00
N ARG B 83 8.14 17.25 2.57
CA ARG B 83 8.74 18.21 3.45
C ARG B 83 9.25 17.50 4.72
N ALA B 84 8.44 16.59 5.24
CA ALA B 84 8.84 15.74 6.38
C ALA B 84 10.14 15.02 6.10
N SER B 85 10.21 14.45 4.90
CA SER B 85 11.32 13.59 4.54
C SER B 85 12.55 14.41 4.34
N GLU B 86 12.37 15.60 3.78
CA GLU B 86 13.44 16.58 3.66
C GLU B 86 14.03 16.96 5.02
N LEU B 87 13.17 17.23 5.98
CA LEU B 87 13.66 17.56 7.30
C LEU B 87 14.46 16.38 7.92
N ALA B 88 13.92 15.16 7.75
CA ALA B 88 14.51 13.95 8.33
C ALA B 88 15.86 13.63 7.70
N LEU B 89 15.96 13.78 6.39
CA LEU B 89 17.22 13.63 5.68
C LEU B 89 18.26 14.62 6.18
N ALA B 90 17.88 15.88 6.38
CA ALA B 90 18.85 16.88 6.87
C ALA B 90 19.33 16.44 8.22
N ASP B 91 18.39 16.07 9.07
CA ASP B 91 18.70 15.68 10.45
C ASP B 91 19.59 14.46 10.44
N ALA B 92 19.44 13.59 9.45
CA ALA B 92 20.29 12.38 9.33
C ALA B 92 21.69 12.63 8.75
N GLY B 93 21.92 13.86 8.27
CA GLY B 93 23.20 14.22 7.71
C GLY B 93 23.33 13.97 6.23
N PHE B 94 22.21 13.72 5.55
CA PHE B 94 22.24 13.40 4.11
C PHE B 94 21.93 14.58 3.19
N ALA B 95 21.67 15.77 3.71
CA ALA B 95 21.56 16.96 2.84
C ALA B 95 22.66 16.94 1.79
N GLY B 96 22.29 16.90 0.52
CA GLY B 96 23.27 16.87 -0.59
C GLY B 96 24.05 15.58 -0.79
N ASP B 97 23.61 14.48 -0.21
CA ASP B 97 24.36 13.27 -0.35
C ASP B 97 24.10 12.67 -1.72
N GLU B 98 25.16 12.31 -2.40
CA GLU B 98 25.11 11.84 -3.77
C GLU B 98 24.85 10.34 -3.86
N SER B 99 25.00 9.65 -2.74
CA SER B 99 25.05 8.18 -2.75
C SER B 99 23.69 7.56 -2.45
N ILE B 100 22.82 8.29 -1.76
CA ILE B 100 21.58 7.69 -1.28
C ILE B 100 20.63 7.32 -2.42
N SER B 101 20.79 7.95 -3.57
CA SER B 101 19.95 7.67 -4.71
C SER B 101 20.42 6.48 -5.56
N ASP B 102 21.41 5.72 -5.09
CA ASP B 102 22.03 4.70 -5.91
C ASP B 102 21.32 3.37 -5.84
N GLY B 103 20.10 3.34 -5.30
CA GLY B 103 19.36 2.10 -5.25
C GLY B 103 19.34 1.41 -3.90
N ARG B 104 20.06 1.95 -2.93
CA ARG B 104 20.08 1.27 -1.62
C ARG B 104 19.40 2.03 -0.52
N MET B 105 18.77 3.15 -0.86
CA MET B 105 17.76 3.74 -0.04
C MET B 105 16.41 3.62 -0.75
N GLY B 106 15.43 3.12 0.00
CA GLY B 106 14.04 2.97 -0.51
C GLY B 106 13.07 3.83 0.28
N VAL B 107 11.80 3.68 -0.03
CA VAL B 107 10.75 4.51 0.61
C VAL B 107 9.57 3.65 1.01
N ALA B 108 9.19 3.70 2.28
CA ALA B 108 7.93 3.13 2.74
C ALA B 108 7.07 4.30 3.21
N TYR B 109 5.88 4.43 2.65
CA TYR B 109 4.99 5.53 2.99
C TYR B 109 3.57 5.26 2.60
N GLY B 110 2.63 5.89 3.29
CA GLY B 110 1.26 5.86 2.84
C GLY B 110 0.38 6.91 3.46
N SER B 111 -0.89 6.90 3.06
CA SER B 111 -1.89 7.82 3.60
C SER B 111 -3.26 7.19 3.48
N SER B 112 -4.23 7.72 4.19
CA SER B 112 -5.63 7.18 4.10
C SER B 112 -6.24 7.44 2.73
N SER B 113 -5.75 8.49 2.10
CA SER B 113 -6.33 8.99 0.92
C SER B 113 -5.33 9.83 0.12
N GLY B 114 -5.59 9.98 -1.16
CA GLY B 114 -4.86 10.94 -1.99
C GLY B 114 -5.36 12.35 -1.76
N SER B 115 -5.16 13.23 -2.74
CA SER B 115 -5.44 14.64 -2.57
C SER B 115 -6.81 15.05 -3.04
N VAL B 116 -7.31 16.16 -2.49
CA VAL B 116 -8.69 16.57 -2.74
C VAL B 116 -8.97 16.91 -4.18
N GLU B 117 -8.06 17.63 -4.83
CA GLU B 117 -8.33 18.17 -6.18
C GLU B 117 -8.73 17.06 -7.17
N PRO B 118 -7.91 16.00 -7.28
CA PRO B 118 -8.26 14.94 -8.23
C PRO B 118 -9.43 14.07 -7.81
N ILE B 119 -9.62 13.87 -6.50
CA ILE B 119 -10.82 13.18 -6.01
C ILE B 119 -12.07 13.94 -6.49
N ARG B 120 -12.08 15.27 -6.32
CA ARG B 120 -13.12 16.13 -6.87
C ARG B 120 -13.27 15.97 -8.39
N ALA B 121 -12.15 16.00 -9.10
CA ALA B 121 -12.18 15.96 -10.56
C ALA B 121 -12.67 14.60 -11.08
N PHE B 122 -12.10 13.50 -10.60
CA PHE B 122 -12.52 12.19 -11.06
C PHE B 122 -13.98 11.86 -10.61
N GLY B 123 -14.33 12.26 -9.39
CA GLY B 123 -15.67 12.08 -8.88
C GLY B 123 -16.71 12.79 -9.73
N THR B 124 -16.40 14.00 -10.16
CA THR B 124 -17.29 14.78 -11.00
C THR B 124 -17.35 14.19 -12.41
N MET B 125 -16.23 13.65 -12.88
CA MET B 125 -16.21 12.93 -14.15
C MET B 125 -17.22 11.77 -14.11
N LEU B 126 -17.25 11.04 -13.01
CA LEU B 126 -18.30 10.01 -12.83
C LEU B 126 -19.68 10.64 -12.74
N GLU B 127 -19.81 11.69 -11.93
CA GLU B 127 -21.13 12.29 -11.67
C GLU B 127 -21.81 12.80 -12.94
N SER B 128 -21.06 13.49 -13.79
CA SER B 128 -21.63 14.17 -14.96
C SER B 128 -20.91 13.92 -16.30
N GLY B 129 -19.79 13.18 -16.28
CA GLY B 129 -18.98 13.05 -17.47
C GLY B 129 -18.01 14.21 -17.72
N SER B 130 -18.21 15.33 -17.06
CA SER B 130 -17.34 16.50 -17.19
C SER B 130 -15.90 16.17 -16.81
N MET B 131 -14.96 16.65 -17.60
CA MET B 131 -13.55 16.36 -17.37
C MET B 131 -12.72 17.64 -17.27
N THR B 132 -13.41 18.76 -16.96
CA THR B 132 -12.79 20.09 -16.98
C THR B 132 -11.49 20.09 -16.19
N ASP B 133 -11.50 19.53 -14.99
CA ASP B 133 -10.30 19.56 -14.14
C ASP B 133 -9.56 18.23 -14.09
N VAL B 134 -9.89 17.30 -14.97
CA VAL B 134 -9.15 16.03 -15.00
C VAL B 134 -7.98 16.27 -15.92
N THR B 135 -6.77 16.12 -15.40
CA THR B 135 -5.55 16.29 -16.21
C THR B 135 -4.68 15.06 -16.17
N SER B 136 -3.59 15.09 -16.92
CA SER B 136 -2.58 14.02 -16.87
C SER B 136 -1.83 13.91 -15.52
N ASN B 137 -2.01 14.87 -14.62
CA ASN B 137 -1.39 14.86 -13.31
C ASN B 137 -2.35 14.46 -12.21
N SER B 138 -3.63 14.30 -12.54
CA SER B 138 -4.65 14.01 -11.52
C SER B 138 -4.41 12.65 -10.82
N TYR B 139 -4.12 11.60 -11.61
CA TYR B 139 -3.94 10.27 -11.02
C TYR B 139 -2.78 10.23 -10.03
N VAL B 140 -1.64 10.81 -10.38
CA VAL B 140 -0.46 10.70 -9.51
C VAL B 140 -0.64 11.49 -8.19
N GLN B 141 -1.49 12.50 -8.21
CA GLN B 141 -1.88 13.22 -6.98
C GLN B 141 -2.93 12.48 -6.12
N MET B 142 -3.75 11.68 -6.79
CA MET B 142 -4.80 10.90 -6.12
C MET B 142 -4.30 9.54 -5.67
N MET B 143 -3.31 8.99 -6.35
CA MET B 143 -3.10 7.56 -6.27
C MET B 143 -2.80 7.10 -4.84
N PRO B 144 -3.18 5.87 -4.51
CA PRO B 144 -2.93 5.30 -3.18
C PRO B 144 -1.52 5.54 -2.69
N HIS B 145 -0.58 5.41 -3.61
CA HIS B 145 0.85 5.55 -3.28
C HIS B 145 1.46 6.89 -3.62
N THR B 146 0.64 7.95 -3.62
CA THR B 146 1.12 9.28 -4.02
C THR B 146 2.23 9.78 -3.11
N THR B 147 2.08 9.56 -1.83
CA THR B 147 3.09 9.98 -0.88
C THR B 147 4.40 9.24 -1.15
N ALA B 148 4.35 7.90 -1.25
CA ALA B 148 5.57 7.13 -1.33
C ALA B 148 6.36 7.46 -2.60
N VAL B 149 5.63 7.57 -3.70
CA VAL B 149 6.26 7.85 -4.98
C VAL B 149 6.82 9.24 -5.05
N ASN B 150 6.09 10.21 -4.52
CA ASN B 150 6.51 11.58 -4.62
C ASN B 150 7.79 11.81 -3.78
N VAL B 151 7.85 11.20 -2.60
CA VAL B 151 9.00 11.26 -1.77
C VAL B 151 10.19 10.62 -2.46
N SER B 152 10.00 9.42 -2.99
CA SER B 152 11.09 8.70 -3.68
C SER B 152 11.62 9.45 -4.89
N LEU B 153 10.71 9.88 -5.75
CA LEU B 153 11.09 10.62 -6.94
C LEU B 153 11.82 11.91 -6.60
N PHE B 154 11.42 12.54 -5.51
CA PHE B 154 11.96 13.85 -5.18
C PHE B 154 13.48 13.81 -4.99
N TRP B 155 14.00 12.71 -4.45
CA TRP B 155 15.48 12.57 -4.31
C TRP B 155 16.06 11.59 -5.28
N ASP B 156 15.32 11.31 -6.33
CA ASP B 156 15.76 10.42 -7.36
C ASP B 156 16.22 9.08 -6.82
N LEU B 157 15.51 8.62 -5.80
CA LEU B 157 15.86 7.37 -5.14
C LEU B 157 15.50 6.22 -6.08
N LYS B 158 16.22 5.10 -5.96
CA LYS B 158 16.05 4.01 -6.88
C LYS B 158 15.85 2.68 -6.15
N GLY B 159 15.54 2.75 -4.86
CA GLY B 159 15.27 1.55 -4.06
C GLY B 159 13.85 1.11 -4.18
N ARG B 160 13.46 0.18 -3.33
CA ARG B 160 12.10 -0.34 -3.38
C ARG B 160 11.15 0.64 -2.76
N ILE B 161 9.96 0.72 -3.33
CA ILE B 161 8.86 1.48 -2.78
C ILE B 161 7.89 0.46 -2.13
N VAL B 162 7.66 0.65 -0.83
CA VAL B 162 6.80 -0.18 -0.04
C VAL B 162 5.58 0.69 0.32
N PRO B 163 4.46 0.49 -0.39
CA PRO B 163 3.32 1.44 -0.30
C PRO B 163 2.31 1.16 0.79
N THR B 164 2.66 1.54 2.00
CA THR B 164 1.87 1.23 3.18
C THR B 164 0.67 2.17 3.43
N SER B 165 -0.22 2.28 2.46
CA SER B 165 -1.44 3.10 2.64
C SER B 165 -2.54 2.27 3.29
N SER B 166 -2.59 2.36 4.60
CA SER B 166 -3.52 1.54 5.39
C SER B 166 -4.27 2.38 6.42
N ALA B 167 -4.82 3.47 5.96
CA ALA B 167 -5.47 4.45 6.81
C ALA B 167 -4.53 4.80 8.02
N CYS B 168 -5.03 4.67 9.25
CA CYS B 168 -4.24 5.07 10.43
C CYS B 168 -3.02 4.23 10.69
N ALA B 169 -2.90 3.06 10.06
CA ALA B 169 -1.73 2.19 10.24
C ALA B 169 -0.62 2.53 9.25
N SER B 170 -0.77 3.60 8.48
CA SER B 170 0.10 3.85 7.33
C SER B 170 1.58 4.08 7.77
N GLY B 171 1.73 4.94 8.75
CA GLY B 171 3.02 5.35 9.21
C GLY B 171 3.72 4.30 10.02
N SER B 172 2.97 3.54 10.84
CA SER B 172 3.55 2.47 11.63
C SER B 172 3.89 1.25 10.79
N GLN B 173 3.06 0.90 9.83
CA GLN B 173 3.48 -0.15 8.87
C GLN B 173 4.69 0.28 8.04
N ALA B 174 4.75 1.56 7.67
CA ALA B 174 5.92 2.07 6.94
C ALA B 174 7.15 1.77 7.75
N ILE B 175 7.13 2.15 9.02
CA ILE B 175 8.30 1.98 9.86
C ILE B 175 8.63 0.51 9.99
N GLY B 176 7.62 -0.28 10.33
CA GLY B 176 7.79 -1.71 10.55
C GLY B 176 8.27 -2.50 9.34
N TYR B 177 7.62 -2.28 8.21
CA TYR B 177 8.02 -2.99 7.01
C TYR B 177 9.36 -2.47 6.49
N ALA B 178 9.63 -1.18 6.61
CA ALA B 178 10.96 -0.64 6.24
C ALA B 178 12.02 -1.32 7.11
N TYR B 179 11.73 -1.41 8.41
CA TYR B 179 12.61 -2.06 9.37
C TYR B 179 12.94 -3.51 8.96
N GLU B 180 11.93 -4.25 8.54
CA GLU B 180 12.16 -5.61 8.12
C GLU B 180 12.92 -5.70 6.81
N ASN B 181 12.68 -4.75 5.91
CA ASN B 181 13.44 -4.69 4.68
C ASN B 181 14.96 -4.51 4.96
N ILE B 182 15.30 -3.65 5.92
CA ILE B 182 16.73 -3.42 6.24
C ILE B 182 17.30 -4.64 6.97
N ALA B 183 16.56 -5.13 7.97
CA ALA B 183 16.96 -6.27 8.76
C ALA B 183 17.29 -7.48 7.86
N MET B 184 16.48 -7.69 6.84
CA MET B 184 16.66 -8.88 6.00
C MET B 184 17.65 -8.59 4.83
N GLY B 185 18.24 -7.40 4.77
CA GLY B 185 19.28 -7.09 3.79
C GLY B 185 18.85 -6.60 2.41
N LYS B 186 17.61 -6.17 2.24
CA LYS B 186 17.17 -5.72 0.90
C LYS B 186 17.57 -4.30 0.61
N GLN B 187 17.68 -3.48 1.64
CA GLN B 187 17.99 -2.06 1.50
C GLN B 187 18.88 -1.69 2.65
N THR B 188 19.76 -0.74 2.41
CA THR B 188 20.67 -0.26 3.45
C THR B 188 20.00 0.83 4.26
N LEU B 189 19.14 1.61 3.59
CA LEU B 189 18.43 2.72 4.21
C LEU B 189 17.01 2.72 3.70
N MET B 190 16.13 3.34 4.47
CA MET B 190 14.72 3.57 4.10
C MET B 190 14.25 4.89 4.72
N LEU B 191 13.57 5.68 3.92
CA LEU B 191 12.69 6.72 4.41
C LEU B 191 11.34 6.06 4.74
N ALA B 192 10.87 6.25 5.95
CA ALA B 192 9.61 5.60 6.38
C ALA B 192 8.73 6.59 7.10
N GLY B 193 7.49 6.70 6.68
CA GLY B 193 6.59 7.64 7.29
C GLY B 193 5.14 7.50 6.87
N GLY B 194 4.35 8.49 7.29
CA GLY B 194 2.99 8.57 6.90
C GLY B 194 2.56 10.02 6.84
N ALA B 195 1.46 10.28 6.12
CA ALA B 195 0.99 11.66 5.92
C ALA B 195 -0.52 11.69 5.73
N GLU B 196 -1.11 12.84 5.95
CA GLU B 196 -2.53 13.04 5.64
C GLU B 196 -2.81 14.52 5.45
N GLU B 197 -3.69 14.83 4.51
CA GLU B 197 -4.18 16.17 4.36
C GLU B 197 -5.59 16.27 4.91
N LEU B 198 -5.91 17.36 5.60
CA LEU B 198 -7.21 17.56 6.19
C LEU B 198 -8.20 17.87 5.09
N SER B 199 -9.35 17.21 5.11
CA SER B 199 -10.45 17.59 4.22
C SER B 199 -11.78 17.21 4.85
N GLY B 200 -12.86 17.75 4.28
CA GLY B 200 -14.20 17.43 4.76
C GLY B 200 -14.46 15.93 4.65
N PRO B 201 -14.20 15.35 3.47
CA PRO B 201 -14.37 13.93 3.27
C PRO B 201 -13.55 13.10 4.25
N ALA B 202 -12.32 13.51 4.53
CA ALA B 202 -11.50 12.78 5.54
C ALA B 202 -12.22 12.76 6.89
N VAL B 203 -12.88 13.87 7.24
CA VAL B 203 -13.60 13.92 8.52
C VAL B 203 -14.90 13.11 8.44
N ALA B 204 -15.59 13.18 7.30
CA ALA B 204 -16.85 12.44 7.10
C ALA B 204 -16.70 10.93 7.36
N VAL B 205 -15.52 10.39 7.03
CA VAL B 205 -15.21 8.99 7.27
C VAL B 205 -15.58 8.59 8.70
N PHE B 206 -15.13 9.39 9.67
CA PHE B 206 -15.40 9.14 11.07
C PHE B 206 -16.70 9.77 11.58
N ASP B 207 -17.07 10.92 11.03
CA ASP B 207 -18.34 11.58 11.43
C ASP B 207 -19.56 10.73 11.08
N THR B 208 -19.54 10.07 9.94
CA THR B 208 -20.66 9.17 9.58
C THR B 208 -20.71 7.91 10.44
N LEU B 209 -19.63 7.59 11.12
CA LEU B 209 -19.62 6.52 12.11
C LEU B 209 -19.99 7.03 13.52
N TYR B 210 -20.32 8.30 13.65
CA TYR B 210 -20.53 8.92 14.97
C TYR B 210 -19.30 8.74 15.88
N ALA B 211 -18.11 8.72 15.32
CA ALA B 211 -16.89 8.53 16.12
C ALA B 211 -16.29 9.89 16.49
N THR B 212 -16.78 10.95 15.86
CA THR B 212 -16.23 12.29 16.04
C THR B 212 -16.84 12.97 17.24
N SER B 213 -16.00 13.70 17.96
CA SER B 213 -16.45 14.61 18.99
C SER B 213 -17.27 15.72 18.33
N THR B 214 -18.39 16.08 18.98
CA THR B 214 -19.25 17.15 18.48
C THR B 214 -19.34 18.33 19.48
N ARG B 215 -18.35 18.45 20.37
CA ARG B 215 -18.31 19.59 21.27
C ARG B 215 -17.80 20.83 20.52
N ASN B 216 -18.65 21.33 19.63
CA ASN B 216 -18.21 22.28 18.60
C ASN B 216 -17.81 23.65 19.17
N ASP B 217 -18.27 23.92 20.39
CA ASP B 217 -17.94 25.13 21.10
C ASP B 217 -16.81 25.05 22.05
N GLU B 218 -16.23 23.87 22.23
CA GLU B 218 -15.18 23.73 23.22
C GLU B 218 -13.95 23.00 22.69
N PRO B 219 -13.28 23.57 21.67
CA PRO B 219 -12.16 22.87 21.00
C PRO B 219 -10.98 22.62 21.92
N HIS B 220 -10.74 23.54 22.84
CA HIS B 220 -9.71 23.37 23.84
C HIS B 220 -9.96 22.22 24.82
N LEU B 221 -11.18 21.70 24.88
CA LEU B 221 -11.57 20.68 25.86
C LEU B 221 -11.75 19.25 25.26
N THR B 222 -11.43 19.09 23.99
CA THR B 222 -11.66 17.83 23.29
C THR B 222 -10.56 17.67 22.20
N PRO B 223 -10.13 16.42 21.88
CA PRO B 223 -10.55 15.11 22.39
C PRO B 223 -9.97 14.82 23.75
N ARG B 224 -10.42 13.71 24.35
CA ARG B 224 -10.13 13.39 25.72
C ARG B 224 -9.83 11.89 25.90
N PRO B 225 -8.68 11.41 25.39
CA PRO B 225 -8.40 9.96 25.47
C PRO B 225 -8.50 9.40 26.88
N PHE B 226 -9.21 8.27 27.00
CA PHE B 226 -9.40 7.53 28.25
C PHE B 226 -10.19 8.30 29.32
N ASP B 227 -10.74 9.46 28.97
CA ASP B 227 -11.50 10.27 29.91
C ASP B 227 -12.98 9.87 29.94
N ALA B 228 -13.59 9.96 31.12
CA ALA B 228 -14.99 9.55 31.32
C ALA B 228 -15.94 10.46 30.59
N LYS B 229 -15.52 11.65 30.22
CA LYS B 229 -16.41 12.60 29.59
C LYS B 229 -16.08 12.75 28.08
N ARG B 230 -15.24 11.89 27.54
CA ARG B 230 -14.88 11.97 26.11
C ARG B 230 -16.10 11.65 25.28
N ASP B 231 -16.17 12.19 24.08
CA ASP B 231 -17.30 11.92 23.15
C ASP B 231 -16.80 11.78 21.72
N GLY B 232 -15.60 11.28 21.51
CA GLY B 232 -15.11 11.02 20.16
C GLY B 232 -13.78 11.68 19.84
N LEU B 233 -13.29 11.40 18.64
CA LEU B 233 -11.97 11.86 18.20
C LEU B 233 -12.07 13.21 17.54
N VAL B 234 -10.91 13.80 17.30
CA VAL B 234 -10.81 14.96 16.44
C VAL B 234 -9.73 14.69 15.41
N VAL B 235 -10.08 14.95 14.14
CA VAL B 235 -9.18 14.68 13.02
C VAL B 235 -8.13 15.78 12.89
N GLY B 236 -6.89 15.35 12.64
CA GLY B 236 -5.79 16.26 12.31
C GLY B 236 -5.11 15.93 10.99
N GLU B 237 -3.84 16.36 10.85
CA GLU B 237 -3.13 16.21 9.59
C GLU B 237 -1.64 16.48 9.76
N GLY B 238 -0.90 16.30 8.67
CA GLY B 238 0.53 16.52 8.63
C GLY B 238 1.28 15.27 8.09
N ALA B 239 2.56 15.17 8.45
CA ALA B 239 3.41 14.06 8.06
C ALA B 239 4.61 13.98 8.94
N ALA B 240 5.21 12.80 8.94
CA ALA B 240 6.43 12.57 9.67
C ALA B 240 7.19 11.47 8.96
N THR B 241 8.50 11.61 8.94
CA THR B 241 9.37 10.67 8.33
C THR B 241 10.53 10.29 9.30
N LEU B 242 10.85 9.00 9.34
CA LEU B 242 12.06 8.52 9.99
C LEU B 242 13.04 8.00 8.94
N VAL B 243 14.32 8.28 9.15
CA VAL B 243 15.39 7.68 8.37
C VAL B 243 15.87 6.42 9.13
N LEU B 244 15.60 5.26 8.57
CA LEU B 244 16.04 4.01 9.16
C LEU B 244 17.31 3.63 8.45
N GLU B 245 18.24 3.03 9.18
CA GLU B 245 19.55 2.77 8.61
C GLU B 245 20.20 1.55 9.25
N GLU B 246 20.84 0.72 8.41
CA GLU B 246 21.52 -0.48 8.89
C GLU B 246 22.58 -0.05 9.88
N TYR B 247 22.75 -0.84 10.94
CA TYR B 247 23.54 -0.43 12.10
C TYR B 247 25.04 -0.18 11.81
N GLU B 248 25.69 -1.09 11.13
CA GLU B 248 27.13 -0.92 10.82
C GLU B 248 27.33 0.30 9.93
N HIS B 249 26.46 0.46 8.95
CA HIS B 249 26.52 1.62 8.08
C HIS B 249 26.44 2.94 8.86
N ALA B 250 25.44 3.04 9.75
CA ALA B 250 25.29 4.22 10.61
C ALA B 250 26.58 4.44 11.43
N LYS B 251 27.04 3.39 12.12
CA LYS B 251 28.32 3.46 12.85
C LYS B 251 29.47 3.97 11.97
N ALA B 252 29.68 3.33 10.83
CA ALA B 252 30.79 3.68 9.91
C ALA B 252 30.89 5.17 9.52
N ARG B 253 29.77 5.86 9.39
CA ARG B 253 29.81 7.30 9.06
C ARG B 253 29.65 8.19 10.30
N GLY B 254 29.66 7.58 11.49
CA GLY B 254 29.55 8.33 12.74
C GLY B 254 28.23 9.06 12.90
N ALA B 255 27.13 8.43 12.45
CA ALA B 255 25.83 9.06 12.54
C ALA B 255 25.45 9.22 14.00
N THR B 256 24.74 10.29 14.32
CA THR B 256 24.05 10.39 15.60
C THR B 256 22.81 9.49 15.53
N ILE B 257 22.71 8.51 16.43
CA ILE B 257 21.69 7.49 16.39
C ILE B 257 20.63 7.82 17.46
N HIS B 258 19.39 7.99 17.03
CA HIS B 258 18.29 8.41 17.91
C HIS B 258 17.71 7.28 18.71
N ALA B 259 17.65 6.10 18.10
CA ALA B 259 17.09 4.89 18.71
C ALA B 259 17.45 3.69 17.85
N GLU B 260 17.27 2.50 18.39
CA GLU B 260 17.31 1.27 17.57
C GLU B 260 15.92 0.71 17.58
N ILE B 261 15.48 0.20 16.43
CA ILE B 261 14.20 -0.48 16.37
C ILE B 261 14.48 -1.92 16.63
N VAL B 262 13.82 -2.49 17.63
CA VAL B 262 14.12 -3.88 18.05
C VAL B 262 12.97 -4.85 17.87
N GLY B 263 11.73 -4.34 17.75
CA GLY B 263 10.62 -5.21 17.46
C GLY B 263 9.46 -4.58 16.70
N PHE B 264 8.81 -5.39 15.89
CA PHE B 264 7.64 -4.96 15.16
C PHE B 264 6.69 -6.10 15.10
N GLY B 265 5.46 -5.86 15.52
CA GLY B 265 4.43 -6.85 15.45
C GLY B 265 3.27 -6.29 14.64
N CYS B 266 2.67 -7.17 13.81
CA CYS B 266 1.55 -6.76 13.01
C CYS B 266 0.60 -7.93 12.77
N ASN B 267 -0.69 -7.70 13.04
CA ASN B 267 -1.75 -8.67 12.75
C ASN B 267 -3.07 -7.96 12.47
N SER B 268 -4.12 -8.75 12.33
CA SER B 268 -5.49 -8.23 12.21
C SER B 268 -6.47 -8.90 13.15
N ASP B 269 -7.49 -8.15 13.59
CA ASP B 269 -8.55 -8.70 14.39
C ASP B 269 -9.40 -9.74 13.61
N GLY B 270 -9.50 -9.56 12.30
CA GLY B 270 -10.35 -10.37 11.46
C GLY B 270 -11.77 -10.50 11.92
N ALA B 271 -12.33 -9.45 12.50
CA ALA B 271 -13.65 -9.54 13.17
C ALA B 271 -14.53 -8.45 12.67
N HIS B 272 -14.18 -7.20 12.99
CA HIS B 272 -14.97 -6.01 12.65
C HIS B 272 -14.19 -5.05 11.78
N MET B 273 -14.93 -4.36 10.90
CA MET B 273 -14.33 -3.33 10.05
C MET B 273 -13.97 -2.07 10.87
N THR B 274 -14.76 -1.80 11.92
CA THR B 274 -14.46 -0.66 12.79
C THR B 274 -14.32 -1.05 14.30
N GLN B 275 -15.02 -2.09 14.79
CA GLN B 275 -15.08 -2.36 16.26
C GLN B 275 -13.93 -3.27 16.83
N PRO B 276 -12.92 -2.65 17.46
CA PRO B 276 -11.65 -3.31 17.73
C PRO B 276 -11.74 -4.47 18.73
N THR B 277 -10.95 -5.51 18.52
CA THR B 277 -10.96 -6.70 19.38
C THR B 277 -9.70 -6.75 20.24
N ALA B 278 -9.87 -6.59 21.55
CA ALA B 278 -8.74 -6.50 22.49
C ALA B 278 -7.70 -7.64 22.42
N SER B 279 -8.14 -8.89 22.23
CA SER B 279 -7.17 -10.02 22.33
C SER B 279 -6.13 -9.96 21.21
N THR B 280 -6.61 -9.68 20.00
CA THR B 280 -5.74 -9.62 18.84
C THR B 280 -4.90 -8.35 18.85
N MET B 281 -5.43 -7.28 19.47
CA MET B 281 -4.64 -6.07 19.69
C MET B 281 -3.46 -6.42 20.62
N ALA B 282 -3.77 -7.10 21.73
CA ALA B 282 -2.75 -7.58 22.66
C ALA B 282 -1.71 -8.45 21.91
N ARG B 283 -2.19 -9.34 21.05
CA ARG B 283 -1.33 -10.23 20.28
C ARG B 283 -0.30 -9.46 19.41
N ALA B 284 -0.73 -8.35 18.81
CA ALA B 284 0.22 -7.47 18.08
C ALA B 284 1.39 -7.04 18.98
N MET B 285 1.07 -6.61 20.21
CA MET B 285 2.10 -6.22 21.19
C MET B 285 3.07 -7.39 21.50
N GLN B 286 2.50 -8.57 21.75
CA GLN B 286 3.25 -9.84 22.02
C GLN B 286 4.16 -10.18 20.85
N LEU B 287 3.63 -10.09 19.64
CA LEU B 287 4.43 -10.34 18.45
C LEU B 287 5.67 -9.41 18.44
N ALA B 288 5.48 -8.16 18.84
CA ALA B 288 6.58 -7.22 18.86
C ALA B 288 7.59 -7.63 19.94
N LEU B 289 7.07 -7.93 21.12
CA LEU B 289 7.92 -8.40 22.24
C LEU B 289 8.69 -9.66 21.83
N GLU B 290 8.03 -10.60 21.16
CA GLU B 290 8.68 -11.81 20.68
C GLU B 290 9.74 -11.49 19.64
N ASP B 291 9.45 -10.57 18.75
CA ASP B 291 10.41 -10.17 17.76
C ASP B 291 11.64 -9.53 18.43
N ALA B 292 11.42 -8.76 19.50
CA ALA B 292 12.53 -8.12 20.24
C ALA B 292 13.20 -9.09 21.28
N LYS B 293 12.65 -10.30 21.41
CA LYS B 293 13.09 -11.25 22.42
C LYS B 293 13.08 -10.58 23.81
N LEU B 294 12.01 -9.86 24.12
CA LEU B 294 11.88 -9.13 25.38
C LEU B 294 10.66 -9.64 26.13
N ASP B 295 10.72 -9.56 27.44
CA ASP B 295 9.57 -9.74 28.29
C ASP B 295 8.80 -8.42 28.36
N ALA B 296 7.47 -8.51 28.53
CA ALA B 296 6.63 -7.33 28.72
C ALA B 296 7.23 -6.40 29.79
N ASN B 297 7.82 -7.01 30.83
CA ASN B 297 8.41 -6.27 31.94
C ASN B 297 9.51 -5.28 31.49
N ALA B 298 10.12 -5.50 30.33
CA ALA B 298 11.16 -4.61 29.81
C ALA B 298 10.68 -3.22 29.34
N ILE B 299 9.40 -3.08 29.09
CA ILE B 299 8.87 -1.84 28.48
C ILE B 299 8.54 -0.80 29.55
N ALA B 300 9.20 0.35 29.50
CA ALA B 300 9.01 1.41 30.49
C ALA B 300 7.78 2.33 30.21
N TYR B 301 7.31 2.36 28.96
CA TYR B 301 6.24 3.27 28.56
C TYR B 301 5.56 2.80 27.27
N VAL B 302 4.25 3.00 27.19
CA VAL B 302 3.52 2.80 25.97
C VAL B 302 2.97 4.11 25.48
N ASN B 303 3.25 4.42 24.21
CA ASN B 303 2.56 5.52 23.54
C ASN B 303 1.29 4.96 22.89
N ALA B 304 0.18 5.21 23.54
CA ALA B 304 -1.13 4.81 23.09
C ALA B 304 -1.47 5.29 21.69
N HIS B 305 -2.36 4.58 21.06
CA HIS B 305 -3.06 5.06 19.91
C HIS B 305 -4.01 6.15 20.42
N GLY B 306 -4.83 5.81 21.41
CA GLY B 306 -5.55 6.79 22.22
C GLY B 306 -6.36 7.78 21.41
N THR B 307 -7.30 7.26 20.61
CA THR B 307 -8.08 8.10 19.70
C THR B 307 -9.18 8.95 20.36
N SER B 308 -9.60 8.54 21.56
CA SER B 308 -10.71 9.18 22.29
C SER B 308 -12.07 8.75 21.81
N THR B 309 -12.15 7.66 21.03
CA THR B 309 -13.45 7.07 20.74
C THR B 309 -13.91 6.25 21.96
N ASP B 310 -15.19 5.95 22.02
CA ASP B 310 -15.71 5.17 23.11
C ASP B 310 -15.04 3.77 23.14
N ARG B 311 -15.29 2.95 22.13
CA ARG B 311 -14.80 1.54 22.13
C ARG B 311 -13.31 1.41 21.93
N GLY B 312 -12.74 2.35 21.16
CA GLY B 312 -11.32 2.30 20.84
C GLY B 312 -10.47 2.40 22.09
N ASP B 313 -10.78 3.37 22.95
CA ASP B 313 -10.01 3.56 24.16
C ASP B 313 -10.18 2.36 25.15
N VAL B 314 -11.39 1.85 25.29
CA VAL B 314 -11.66 0.71 26.19
C VAL B 314 -10.85 -0.49 25.72
N ALA B 315 -11.03 -0.88 24.45
CA ALA B 315 -10.38 -2.03 23.89
C ALA B 315 -8.85 -1.88 23.97
N GLU B 316 -8.32 -0.68 23.66
CA GLU B 316 -6.88 -0.46 23.76
C GLU B 316 -6.39 -0.63 25.23
N SER B 317 -7.14 -0.07 26.18
CA SER B 317 -6.75 -0.19 27.59
C SER B 317 -6.69 -1.65 28.03
N GLN B 318 -7.68 -2.42 27.66
CA GLN B 318 -7.71 -3.85 28.01
C GLN B 318 -6.57 -4.59 27.36
N ALA B 319 -6.33 -4.34 26.08
CA ALA B 319 -5.18 -4.96 25.37
C ALA B 319 -3.87 -4.65 26.05
N THR B 320 -3.73 -3.43 26.50
CA THR B 320 -2.49 -3.00 27.12
C THR B 320 -2.35 -3.60 28.52
N ALA B 321 -3.42 -3.61 29.31
CA ALA B 321 -3.43 -4.21 30.65
C ALA B 321 -3.12 -5.69 30.54
N ARG B 322 -3.72 -6.34 29.56
CA ARG B 322 -3.44 -7.77 29.34
C ARG B 322 -1.98 -8.09 29.07
N THR B 323 -1.32 -7.25 28.30
CA THR B 323 0.08 -7.46 27.95
C THR B 323 1.00 -7.08 29.13
N PHE B 324 0.68 -5.99 29.83
CA PHE B 324 1.63 -5.41 30.75
C PHE B 324 1.23 -5.36 32.21
N GLY B 325 -0.05 -5.46 32.52
CA GLY B 325 -0.54 -5.22 33.89
C GLY B 325 -0.87 -3.75 34.13
N GLU B 326 -1.38 -3.46 35.32
CA GLU B 326 -1.81 -2.11 35.65
C GLU B 326 -0.68 -1.09 35.80
N ARG B 327 0.56 -1.55 35.88
CA ARG B 327 1.68 -0.64 36.18
C ARG B 327 2.15 0.21 35.02
N MET B 328 1.69 -0.10 33.82
CA MET B 328 2.28 0.53 32.62
C MET B 328 1.93 2.03 32.47
N PRO B 329 2.95 2.90 32.45
CA PRO B 329 2.69 4.29 32.09
C PRO B 329 2.29 4.40 30.63
N ILE B 330 1.28 5.20 30.36
CA ILE B 330 0.72 5.34 29.04
C ILE B 330 0.20 6.75 28.86
N SER B 331 0.36 7.30 27.66
CA SER B 331 -0.34 8.54 27.28
C SER B 331 -0.55 8.63 25.78
N SER B 332 -1.46 9.53 25.39
CA SER B 332 -1.89 9.68 24.00
C SER B 332 -1.58 11.07 23.52
N LEU B 333 -0.74 11.15 22.51
CA LEU B 333 -0.37 12.41 21.89
C LEU B 333 -1.51 12.96 21.02
N LYS B 334 -2.52 12.14 20.74
CA LYS B 334 -3.71 12.61 20.03
C LYS B 334 -4.51 13.61 20.84
N SER B 335 -4.27 13.65 22.14
CA SER B 335 -4.85 14.68 22.99
C SER B 335 -4.34 16.09 22.62
N TYR B 336 -3.21 16.17 21.92
CA TYR B 336 -2.63 17.44 21.49
C TYR B 336 -2.93 17.75 20.03
N VAL B 337 -2.58 16.82 19.15
CA VAL B 337 -2.65 17.06 17.71
C VAL B 337 -3.84 16.37 17.06
N GLY B 338 -4.67 15.72 17.86
CA GLY B 338 -5.77 14.97 17.32
C GLY B 338 -5.30 13.66 16.70
N HIS B 339 -6.20 13.05 15.94
CA HIS B 339 -5.90 11.81 15.23
C HIS B 339 -5.46 12.24 13.87
N THR B 340 -4.16 12.16 13.65
CA THR B 340 -3.55 12.66 12.44
C THR B 340 -3.56 11.62 11.32
N LEU B 341 -4.32 10.55 11.52
CA LEU B 341 -4.66 9.55 10.48
C LEU B 341 -3.41 8.89 9.86
N GLY B 342 -3.20 9.09 8.55
CA GLY B 342 -2.04 8.55 7.85
C GLY B 342 -0.75 8.84 8.58
N ALA B 343 -0.63 10.06 9.13
CA ALA B 343 0.61 10.50 9.81
C ALA B 343 0.80 9.88 11.16
N CYS B 344 -0.27 9.36 11.78
CA CYS B 344 -0.20 9.14 13.25
C CYS B 344 0.91 8.21 13.75
N GLY B 345 1.12 7.10 13.07
CA GLY B 345 2.13 6.16 13.49
C GLY B 345 3.56 6.68 13.40
N ALA B 346 3.86 7.47 12.36
CA ALA B 346 5.18 8.05 12.20
C ALA B 346 5.39 9.22 13.19
N LEU B 347 4.39 10.11 13.29
CA LEU B 347 4.51 11.27 14.17
C LEU B 347 4.65 10.81 15.61
N GLU B 348 3.80 9.85 16.00
CA GLU B 348 3.87 9.28 17.35
C GLU B 348 5.16 8.52 17.63
N ALA B 349 5.70 7.82 16.64
CA ALA B 349 6.99 7.11 16.84
C ALA B 349 8.10 8.15 17.10
N TRP B 350 8.15 9.14 16.23
CA TRP B 350 9.08 10.26 16.35
C TRP B 350 9.04 10.90 17.71
N TRP B 351 7.87 11.39 18.10
CA TRP B 351 7.75 12.07 19.39
C TRP B 351 8.02 11.16 20.56
N THR B 352 7.64 9.88 20.45
CA THR B 352 7.95 8.89 21.50
C THR B 352 9.48 8.70 21.70
N ILE B 353 10.23 8.75 20.63
CA ILE B 353 11.70 8.65 20.72
C ILE B 353 12.28 9.93 21.31
N GLU B 354 11.74 11.08 20.92
CA GLU B 354 12.21 12.35 21.45
C GLU B 354 12.00 12.39 22.97
N MET B 355 10.85 11.91 23.41
CA MET B 355 10.54 11.88 24.82
C MET B 355 11.47 10.92 25.55
N MET B 356 11.66 9.72 24.98
CA MET B 356 12.55 8.73 25.56
C MET B 356 13.93 9.28 25.74
N LYS B 357 14.45 10.00 24.75
CA LYS B 357 15.81 10.57 24.85
C LYS B 357 15.95 11.54 26.00
N ARG B 358 14.85 12.19 26.36
CA ARG B 358 14.93 13.26 27.35
C ARG B 358 14.41 12.89 28.73
N ASN B 359 14.08 11.61 28.93
CA ASN B 359 13.43 11.18 30.18
C ASN B 359 12.16 11.96 30.57
N TRP B 360 11.40 12.39 29.57
CA TRP B 360 10.27 13.30 29.79
C TRP B 360 9.09 12.88 28.96
N TYR B 361 8.00 12.53 29.62
CA TYR B 361 6.85 11.94 28.92
C TYR B 361 5.56 12.77 29.13
N ALA B 362 5.06 13.33 28.05
CA ALA B 362 3.92 14.21 28.10
C ALA B 362 2.66 13.51 28.65
N PRO B 363 1.84 14.25 29.41
CA PRO B 363 0.61 13.67 29.86
C PRO B 363 -0.43 13.66 28.74
N THR B 364 -1.44 12.81 28.87
CA THR B 364 -2.63 12.97 28.04
C THR B 364 -3.41 14.22 28.47
N LEU B 365 -3.48 15.19 27.57
CA LEU B 365 -4.27 16.39 27.75
C LEU B 365 -5.76 16.10 27.89
N ASN B 366 -6.43 16.91 28.69
CA ASN B 366 -7.88 16.81 28.92
C ASN B 366 -8.34 15.45 29.46
N LEU B 367 -7.48 14.81 30.27
CA LEU B 367 -7.82 13.59 30.99
C LEU B 367 -7.91 13.92 32.48
N THR B 368 -9.12 14.20 32.97
CA THR B 368 -9.34 14.65 34.36
C THR B 368 -9.99 13.57 35.23
N GLU B 369 -10.78 12.70 34.63
CA GLU B 369 -11.38 11.56 35.31
C GLU B 369 -11.22 10.35 34.41
N VAL B 370 -10.40 9.38 34.84
CA VAL B 370 -10.21 8.17 34.06
C VAL B 370 -11.52 7.43 33.98
N ASP B 371 -11.95 7.14 32.76
CA ASP B 371 -13.18 6.36 32.50
C ASP B 371 -13.12 5.03 33.20
N PRO B 372 -14.10 4.75 34.07
CA PRO B 372 -14.05 3.45 34.78
C PRO B 372 -14.27 2.25 33.86
N ALA B 373 -14.77 2.48 32.66
CA ALA B 373 -14.88 1.40 31.68
C ALA B 373 -13.51 1.03 31.12
N CYS B 374 -12.51 1.92 31.26
CA CYS B 374 -11.15 1.59 30.80
C CYS B 374 -10.36 0.85 31.84
N ALA B 375 -9.50 -0.07 31.40
CA ALA B 375 -8.65 -0.82 32.29
C ALA B 375 -7.71 0.10 33.06
N PRO B 376 -7.48 -0.20 34.36
CA PRO B 376 -6.47 0.53 35.14
C PRO B 376 -5.10 0.40 34.54
N LEU B 377 -4.52 1.53 34.18
CA LEU B 377 -3.16 1.61 33.69
C LEU B 377 -2.58 2.83 34.41
N ASP B 378 -1.30 3.09 34.24
CA ASP B 378 -0.74 4.29 34.86
C ASP B 378 -0.90 5.43 33.85
N TYR B 379 -2.10 6.00 33.80
CA TYR B 379 -2.40 7.07 32.86
C TYR B 379 -1.72 8.33 33.33
N ILE B 380 -0.66 8.71 32.62
CA ILE B 380 0.03 9.96 32.93
C ILE B 380 -0.91 11.11 32.64
N ARG B 381 -1.07 12.01 33.58
CA ARG B 381 -1.92 13.17 33.35
C ARG B 381 -1.62 14.24 34.30
N GLY B 382 -1.98 15.46 33.91
CA GLY B 382 -1.77 16.64 34.75
C GLY B 382 -0.41 17.25 34.54
N GLU B 383 0.63 16.41 34.59
CA GLU B 383 1.98 16.83 34.48
C GLU B 383 2.79 15.77 33.72
N ALA B 384 3.90 16.17 33.09
CA ALA B 384 4.73 15.20 32.39
C ALA B 384 5.40 14.29 33.43
N ARG B 385 5.69 13.06 33.03
CA ARG B 385 6.35 12.08 33.91
C ARG B 385 7.83 11.92 33.49
N ALA B 386 8.73 11.89 34.48
CA ALA B 386 10.16 11.63 34.26
C ALA B 386 10.36 10.12 34.38
N ILE B 387 10.79 9.49 33.28
CA ILE B 387 11.08 8.07 33.29
C ILE B 387 12.37 7.88 32.53
N ASP B 388 13.14 6.91 32.93
CA ASP B 388 14.41 6.62 32.30
C ASP B 388 14.31 5.27 31.62
N ALA B 389 13.94 5.25 30.34
CA ALA B 389 13.56 4.00 29.68
C ALA B 389 14.73 3.35 29.00
N GLU B 390 14.74 2.02 29.03
CA GLU B 390 15.61 1.22 28.15
C GLU B 390 14.84 0.88 26.89
N TYR B 391 13.53 0.63 27.04
CA TYR B 391 12.66 0.37 25.92
C TYR B 391 11.33 1.04 26.06
N VAL B 392 10.83 1.51 24.90
CA VAL B 392 9.50 2.04 24.82
C VAL B 392 8.75 1.38 23.68
N MET B 393 7.41 1.43 23.77
CA MET B 393 6.54 0.86 22.75
C MET B 393 5.54 1.90 22.23
N SER B 394 5.27 1.87 20.92
CA SER B 394 4.23 2.75 20.33
C SER B 394 3.30 1.91 19.53
N ASN B 395 2.02 1.99 19.86
CA ASN B 395 1.01 1.15 19.26
C ASN B 395 0.03 1.96 18.38
N ASN B 396 -0.54 1.29 17.39
CA ASN B 396 -1.56 1.87 16.56
C ASN B 396 -2.52 0.78 16.11
N PHE B 397 -3.80 1.13 16.04
CA PHE B 397 -4.88 0.19 15.70
C PHE B 397 -5.81 0.86 14.77
N ALA B 398 -6.10 0.22 13.64
CA ALA B 398 -6.65 0.92 12.49
C ALA B 398 -7.89 0.29 11.96
N PHE B 399 -8.50 1.02 11.07
CA PHE B 399 -9.55 0.58 10.24
C PHE B 399 -9.28 -0.83 9.70
N GLY B 400 -10.33 -1.64 9.61
CA GLY B 400 -10.21 -3.04 9.23
C GLY B 400 -9.58 -3.93 10.32
N GLY B 401 -9.38 -3.39 11.52
CA GLY B 401 -8.76 -4.17 12.58
C GLY B 401 -7.26 -4.48 12.38
N ILE B 402 -6.58 -3.65 11.59
CA ILE B 402 -5.12 -3.76 11.37
C ILE B 402 -4.38 -3.21 12.60
N ASN B 403 -3.60 -4.06 13.26
CA ASN B 403 -2.85 -3.68 14.45
C ASN B 403 -1.34 -3.67 14.24
N THR B 404 -0.67 -2.63 14.78
CA THR B 404 0.81 -2.55 14.80
C THR B 404 1.35 -2.17 16.18
N SER B 405 2.51 -2.70 16.49
CA SER B 405 3.24 -2.41 17.71
C SER B 405 4.71 -2.30 17.36
N LEU B 406 5.33 -1.19 17.77
CA LEU B 406 6.73 -0.90 17.53
C LEU B 406 7.48 -0.76 18.84
N ILE B 407 8.64 -1.40 18.92
CA ILE B 407 9.50 -1.27 20.11
C ILE B 407 10.85 -0.65 19.74
N PHE B 408 11.18 0.43 20.46
CA PHE B 408 12.40 1.16 20.28
C PHE B 408 13.31 0.97 21.48
N ARG B 409 14.59 0.79 21.21
CA ARG B 409 15.58 0.63 22.26
C ARG B 409 16.31 1.95 22.48
N ARG B 410 16.51 2.29 23.74
CA ARG B 410 17.27 3.48 24.12
C ARG B 410 18.66 3.37 23.59
N VAL B 411 19.19 4.48 23.09
CA VAL B 411 20.58 4.58 22.70
C VAL B 411 21.17 5.79 23.38
N ARG B 412 22.12 5.59 24.28
CA ARG B 412 22.85 6.70 24.93
C ARG B 412 24.23 6.85 24.29
N1 IMD C . -3.87 9.29 -28.26
C2 IMD C . -3.84 8.24 -27.38
N3 IMD C . -4.64 8.53 -26.34
C4 IMD C . -5.21 9.78 -26.57
C5 IMD C . -4.72 10.24 -27.79
C1 EDO D . -12.18 9.89 1.28
O1 EDO D . -11.10 9.10 0.75
C2 EDO D . -11.64 10.73 2.41
O2 EDO D . -10.92 11.87 1.90
C1 EDO E . -22.02 12.58 15.10
O1 EDO E . -20.61 12.50 15.01
C2 EDO E . -22.33 12.10 16.50
O2 EDO E . -21.03 12.08 17.10
N1 IMD F . 22.72 3.71 0.63
C2 IMD F . 23.95 3.83 1.15
N3 IMD F . 24.81 4.15 0.14
C4 IMD F . 24.11 4.20 -0.98
C5 IMD F . 22.79 3.94 -0.69
N1 IMD G . 27.25 7.83 3.55
C2 IMD G . 26.84 6.57 3.33
N3 IMD G . 26.00 6.56 2.28
C4 IMD G . 25.86 7.83 1.86
C5 IMD G . 26.67 8.62 2.65
N1 IMD H . 27.35 1.20 1.07
C2 IMD H . 27.63 0.23 1.94
N3 IMD H . 26.46 -0.36 2.26
C4 IMD H . 25.46 0.26 1.59
C5 IMD H . 26.02 1.25 0.83
N1 IMD I . 29.20 6.06 -0.43
C2 IMD I . 28.84 5.32 0.62
N3 IMD I . 28.59 4.06 0.18
C4 IMD I . 28.80 3.98 -1.13
C5 IMD I . 29.19 5.24 -1.50
CA CA J . 26.68 4.00 2.19
#